data_5WQE
#
_entry.id   5WQE
#
_cell.length_a   194.554
_cell.length_b   129.836
_cell.length_c   84.001
_cell.angle_alpha   90.00
_cell.angle_beta   110.00
_cell.angle_gamma   90.00
#
_symmetry.space_group_name_H-M   'C 1 2 1'
#
loop_
_entity.id
_entity.type
_entity.pdbx_description
1 polymer 'CRISPR-associated endonuclease C2c1'
2 polymer 'RNA (60-MER)'
3 water water
#
loop_
_entity_poly.entity_id
_entity_poly.type
_entity_poly.pdbx_seq_one_letter_code
_entity_poly.pdbx_strand_id
1 'polypeptide(L)'
;(MSE)AVKSIKVKLRLDD(MSE)PEIRAGLWKLHKEVNAGVRYYTEWLSLLRQENLYRRSPNGDGEQECDKTAEECKAEL
LERLRARQVENGHRGPAGSDDELLQLARQLYELLVPQAIGAKGDAQQIARKFLSPLADKDAVGGLGIAKAGNKPRWVR
(MSE)REAGEPGWEEEKEKAETRKSADRTADVLRALADFGLKPL(MSE)RVYTDSE(MSE)SSVEWKPLRKGQAVRTWDR
D(MSE)FQQAIER(MSE)(MSE)SWESWNQRVGQEYAKLVEQKNRFEQKNFVGQEHLVHLVNQLQQD(MSE)KEASPGLE
SKEQTAHYVTGRALRGSDKVFEKWGKLAPDAPFDLYDAEIKNVQRRNTRRFGSHDLFAKLAEPEYQALWREDASFLTRYA
VYNSILRKLNHAK(MSE)FATFTLPDATAHPIWTRFDKLGGNLHQYTFLFNEFGERRHAIRFHKLLKVENGVAREVDDVT
VPIS(MSE)SEQLDNLLPRDPNEPIALYFRDYGAEQHFTGEFGGAKIQCRRDQLAH(MSE)HRRRGARDVYLNVSVRVQS
QSEARGERRPPYAAVFRLVGDNHRAFVHFDKLSDYLAEHPDDGKLGSEGLLSGLRV(MSE)SVDLGLRTSASISVFRVAR
KDELKPNSKGRVPFFFPIKGNDNLVAVHERSQLLKLPGETESKDLRAIREERQRTLRQLRTQLAYLRLLVRCGSEDVGRR
ERSWAKLIEQPVDAANH(MSE)TPDWREAFENELQKLKSLHGICSDKEW(MSE)DAVYESVRRVWRH(MSE)GKQVRDWR
KDVRSGERPKIRGYAKDVVGGNSIEQIEYLERQYKFLKSWSFFGKVSGQVIRAEKGSRFAITLREHIDHAKEDRLKKLAD
RII(MSE)EALGYVYALDERGKGKWVAKYPPCQLILLEELSEYQFNNDRPPSENNQL(MSE)QWSHRGVFQELINQAQVH
DLLVGT(MSE)YAAFSSRFDARTGAPGIRCRRVPARCTQEHNPEPFPWWLNKFVVEHTLDACPLRADDLIPTGEGEIFVS
PFSAEEGDFHQIHADLNAAQNLQQRLWSDFDISQIRLRCDWGEVDGELVLIPRLTGKRTADSYSNKVFYTNTGVTYYERE
RGKKRRKVFAQEKLSEEEAELLVEADEAREKSVVL(MSE)RDPSGIINRGNWTRQKEFWS(MSE)VNQRIEGYLVKQIRS
RVPLQDSACENTGDILEHHHHHH
;
A
2 'polyribonucleotide'
;GGUCUAGAGGACAGAAUUUUUCAACGGGUGUGCCAAUGGCCACUUUCCAGGUGGCAAAGCCCGUUGAGCUUCUCAAAUCU
GAGAAGUGGCACGAGAAGGGGAGGAGAAAGUA
;
B
#
# COMPACT_ATOMS: atom_id res chain seq x y z
N ALA A 2 0.74 -10.90 19.90
CA ALA A 2 -0.06 -11.96 19.24
C ALA A 2 -1.48 -11.83 19.70
N VAL A 3 -2.05 -10.65 19.43
CA VAL A 3 -3.48 -10.50 19.53
C VAL A 3 -4.03 -10.74 18.15
N LYS A 4 -4.80 -11.81 18.07
CA LYS A 4 -5.67 -12.10 16.97
C LYS A 4 -7.06 -11.72 17.42
N SER A 5 -7.90 -11.39 16.44
CA SER A 5 -9.23 -10.84 16.66
C SER A 5 -10.15 -11.88 16.03
N ILE A 6 -11.11 -12.38 16.81
CA ILE A 6 -12.12 -13.27 16.26
C ILE A 6 -13.47 -12.61 16.44
N LYS A 7 -14.18 -12.44 15.32
CA LYS A 7 -15.50 -11.81 15.30
C LYS A 7 -16.54 -12.91 15.25
N VAL A 8 -17.61 -12.81 16.02
CA VAL A 8 -18.66 -13.82 15.93
C VAL A 8 -20.02 -13.19 15.85
N LYS A 9 -20.98 -13.95 15.36
CA LYS A 9 -22.31 -13.46 15.12
C LYS A 9 -23.20 -13.99 16.19
N LEU A 10 -23.88 -13.09 16.89
CA LEU A 10 -24.73 -13.46 17.98
C LEU A 10 -26.08 -13.79 17.42
N ARG A 11 -26.56 -14.98 17.73
CA ARG A 11 -27.87 -15.38 17.28
C ARG A 11 -28.83 -14.81 18.27
N LEU A 12 -28.94 -13.49 18.24
CA LEU A 12 -29.77 -12.77 19.17
C LEU A 12 -31.15 -12.86 18.57
N ASP A 13 -31.64 -14.09 18.45
CA ASP A 13 -32.83 -14.35 17.65
C ASP A 13 -34.12 -14.45 18.44
N ASP A 14 -34.11 -15.27 19.47
CA ASP A 14 -35.28 -15.43 20.29
C ASP A 14 -35.52 -14.22 21.14
N PRO A 16 -35.81 -10.66 21.74
CA PRO A 16 -35.72 -9.33 21.15
C PRO A 16 -35.81 -8.35 22.28
N GLU A 17 -35.87 -8.87 23.49
CA GLU A 17 -35.83 -8.02 24.64
C GLU A 17 -34.46 -7.38 24.75
N ILE A 18 -33.44 -8.20 24.54
CA ILE A 18 -32.04 -7.80 24.42
C ILE A 18 -31.59 -7.04 23.15
N ARG A 19 -31.99 -7.51 21.99
CA ARG A 19 -31.59 -6.93 20.72
C ARG A 19 -31.78 -5.42 20.73
N ALA A 20 -32.90 -4.95 21.22
CA ALA A 20 -33.09 -3.53 21.35
C ALA A 20 -32.08 -3.00 22.34
N GLY A 21 -31.81 -3.79 23.37
CA GLY A 21 -30.82 -3.38 24.36
C GLY A 21 -29.45 -3.15 23.77
N LEU A 22 -29.00 -4.10 22.97
CA LEU A 22 -27.76 -3.95 22.29
C LEU A 22 -27.72 -2.61 21.59
N TRP A 23 -28.75 -2.36 20.79
CA TRP A 23 -28.88 -1.08 20.10
C TRP A 23 -28.92 0.11 21.06
N LYS A 24 -29.60 -0.04 22.20
CA LYS A 24 -29.69 1.07 23.13
C LYS A 24 -28.35 1.32 23.75
N LEU A 25 -27.65 0.25 24.11
CA LEU A 25 -26.29 0.37 24.57
C LEU A 25 -25.45 1.20 23.59
N HIS A 26 -25.47 0.76 22.34
CA HIS A 26 -24.66 1.38 21.34
C HIS A 26 -24.90 2.87 21.28
N LYS A 27 -26.14 3.25 21.03
CA LYS A 27 -26.46 4.65 20.90
C LYS A 27 -25.99 5.35 22.15
N GLU A 28 -26.09 4.68 23.29
CA GLU A 28 -25.81 5.28 24.58
C GLU A 28 -24.34 5.54 24.84
N VAL A 29 -23.54 4.59 24.40
CA VAL A 29 -22.10 4.66 24.61
C VAL A 29 -21.55 5.83 23.81
N ASN A 30 -21.88 5.78 22.53
CA ASN A 30 -21.63 6.86 21.60
C ASN A 30 -21.99 8.25 22.09
N ALA A 31 -23.04 8.36 22.90
CA ALA A 31 -23.48 9.65 23.38
C ALA A 31 -22.58 10.07 24.51
N GLY A 32 -22.20 9.07 25.29
CA GLY A 32 -21.25 9.29 26.36
C GLY A 32 -19.96 9.80 25.79
N VAL A 33 -19.46 9.08 24.78
CA VAL A 33 -18.19 9.45 24.24
C VAL A 33 -18.32 10.77 23.53
N ARG A 34 -19.49 11.03 22.95
CA ARG A 34 -19.70 12.29 22.29
C ARG A 34 -19.63 13.34 23.36
N TYR A 35 -20.12 13.03 24.56
CA TYR A 35 -20.10 14.05 25.61
C TYR A 35 -18.72 14.46 26.06
N TYR A 36 -17.89 13.49 26.38
CA TYR A 36 -16.59 13.79 26.91
C TYR A 36 -15.71 14.38 25.86
N THR A 37 -15.80 13.78 24.68
CA THR A 37 -14.99 14.11 23.52
C THR A 37 -15.28 15.51 23.09
N GLU A 38 -16.52 15.92 23.19
CA GLU A 38 -16.90 17.29 22.97
C GLU A 38 -16.26 18.19 24.01
N TRP A 39 -16.16 17.70 25.23
CA TRP A 39 -15.49 18.43 26.28
C TRP A 39 -14.04 18.62 25.97
N LEU A 40 -13.39 17.57 25.53
CA LEU A 40 -11.98 17.64 25.21
C LEU A 40 -11.66 18.56 24.05
N SER A 41 -12.45 18.51 23.00
CA SER A 41 -12.24 19.36 21.84
C SER A 41 -12.43 20.80 22.23
N LEU A 42 -13.45 21.01 23.04
CA LEU A 42 -13.68 22.27 23.69
C LEU A 42 -12.57 22.55 24.66
N LEU A 43 -12.15 21.50 25.37
CA LEU A 43 -11.31 21.63 26.55
C LEU A 43 -9.95 22.25 26.33
N ARG A 44 -9.28 21.99 25.21
CA ARG A 44 -8.11 22.79 24.89
C ARG A 44 -8.67 24.19 24.68
N GLN A 45 -8.01 25.22 25.20
CA GLN A 45 -8.53 26.55 24.99
C GLN A 45 -8.46 26.76 23.49
N GLU A 46 -7.36 26.35 22.91
CA GLU A 46 -7.16 26.37 21.48
C GLU A 46 -7.94 25.18 21.07
N ASN A 47 -8.15 24.91 19.80
CA ASN A 47 -7.40 25.41 18.67
C ASN A 47 -8.43 25.31 17.59
N LEU A 48 -8.20 25.93 16.45
CA LEU A 48 -9.23 25.93 15.43
C LEU A 48 -9.49 24.50 15.08
N TYR A 49 -10.77 24.17 14.97
CA TYR A 49 -11.18 22.81 14.69
C TYR A 49 -11.64 22.75 13.27
N ARG A 50 -11.15 21.76 12.52
CA ARG A 50 -11.43 21.71 11.07
C ARG A 50 -12.35 20.59 10.61
N ARG A 51 -13.35 20.94 9.79
CA ARG A 51 -14.23 19.93 9.23
C ARG A 51 -14.67 20.23 7.80
N SER A 52 -14.22 19.37 6.90
CA SER A 52 -14.46 19.50 5.48
C SER A 52 -15.88 19.17 5.08
N PRO A 53 -16.36 19.86 3.96
CA PRO A 53 -17.73 19.53 3.61
C PRO A 53 -17.78 18.60 2.42
N GLN A 59 -11.51 21.82 2.98
CA GLN A 59 -11.78 21.89 4.41
C GLN A 59 -12.21 23.28 4.85
N GLU A 60 -13.21 23.32 5.72
CA GLU A 60 -13.65 24.55 6.35
C GLU A 60 -13.51 24.29 7.85
N CYS A 61 -13.17 25.32 8.61
CA CYS A 61 -13.02 25.10 10.04
C CYS A 61 -14.30 25.43 10.76
N ASP A 62 -14.84 24.43 11.42
CA ASP A 62 -16.11 24.53 12.12
C ASP A 62 -16.08 25.52 13.26
N LYS A 63 -14.99 25.52 13.99
CA LYS A 63 -14.84 26.40 15.12
C LYS A 63 -13.52 27.09 15.06
N THR A 64 -13.48 28.35 15.41
CA THR A 64 -12.23 29.05 15.58
C THR A 64 -11.70 28.44 16.87
N ALA A 65 -10.45 28.62 17.22
CA ALA A 65 -9.83 29.82 17.69
C ALA A 65 -10.69 30.21 18.86
N GLU A 66 -11.16 31.45 18.90
CA GLU A 66 -11.89 31.99 20.02
C GLU A 66 -13.18 31.24 20.29
N GLU A 67 -13.80 30.73 19.24
CA GLU A 67 -15.13 30.15 19.37
C GLU A 67 -15.09 29.03 20.37
N CYS A 68 -14.01 28.29 20.38
CA CYS A 68 -13.79 27.29 21.41
C CYS A 68 -13.64 27.93 22.75
N LYS A 69 -12.86 29.00 22.80
CA LYS A 69 -12.63 29.70 24.05
C LYS A 69 -13.84 30.41 24.62
N ALA A 70 -14.61 31.10 23.79
CA ALA A 70 -15.84 31.75 24.25
C ALA A 70 -16.88 30.72 24.71
N GLU A 71 -16.90 29.57 24.05
CA GLU A 71 -17.87 28.52 24.35
C GLU A 71 -17.53 27.78 25.64
N LEU A 72 -16.24 27.65 25.88
CA LEU A 72 -15.74 26.90 27.03
C LEU A 72 -15.99 27.67 28.33
N LEU A 73 -15.64 28.95 28.34
CA LEU A 73 -15.86 29.81 29.50
C LEU A 73 -17.30 29.68 30.00
N GLU A 74 -18.25 30.02 29.14
CA GLU A 74 -19.68 29.83 29.45
C GLU A 74 -19.94 28.48 30.15
N ARG A 75 -19.47 27.38 29.57
CA ARG A 75 -19.62 26.06 30.21
C ARG A 75 -19.05 26.05 31.63
N LEU A 76 -17.86 26.62 31.79
CA LEU A 76 -17.17 26.70 33.10
C LEU A 76 -17.87 27.58 34.12
N ARG A 77 -18.22 28.79 33.71
CA ARG A 77 -18.95 29.74 34.54
C ARG A 77 -20.33 29.25 34.92
N ALA A 78 -20.97 28.57 34.00
CA ALA A 78 -22.19 27.86 34.27
C ALA A 78 -21.90 26.78 35.28
N ARG A 79 -20.75 26.14 35.17
CA ARG A 79 -20.33 25.14 36.13
C ARG A 79 -20.06 25.66 37.50
N GLN A 80 -19.43 26.82 37.58
CA GLN A 80 -19.13 27.39 38.87
C GLN A 80 -20.44 27.67 39.55
N VAL A 81 -21.40 28.17 38.80
CA VAL A 81 -22.72 28.43 39.35
C VAL A 81 -23.43 27.18 39.81
N GLU A 82 -23.26 26.08 39.10
CA GLU A 82 -23.90 24.84 39.50
C GLU A 82 -23.44 24.29 40.84
N ASN A 83 -22.15 24.32 41.14
CA ASN A 83 -21.72 23.97 42.48
C ASN A 83 -21.46 25.26 43.20
N GLY A 84 -22.21 25.51 44.26
CA GLY A 84 -22.31 26.87 44.73
C GLY A 84 -20.96 27.38 45.13
N HIS A 85 -20.63 28.53 44.57
CA HIS A 85 -19.30 29.05 44.70
C HIS A 85 -19.40 30.41 45.29
N ARG A 86 -18.59 30.67 46.29
CA ARG A 86 -18.58 31.96 46.93
C ARG A 86 -17.39 32.78 46.44
N GLY A 87 -16.81 32.31 45.35
CA GLY A 87 -15.67 32.96 44.74
C GLY A 87 -14.43 32.34 45.33
N PRO A 88 -13.28 32.68 44.79
CA PRO A 88 -13.21 33.53 43.59
C PRO A 88 -13.54 32.76 42.34
N ALA A 89 -13.91 33.47 41.28
CA ALA A 89 -14.06 32.87 39.98
C ALA A 89 -12.93 33.47 39.19
N GLY A 90 -12.06 32.64 38.63
CA GLY A 90 -10.82 33.15 38.09
C GLY A 90 -11.04 34.16 36.99
N SER A 91 -10.07 35.04 36.79
CA SER A 91 -9.99 35.84 35.58
C SER A 91 -10.28 34.91 34.42
N ASP A 92 -10.95 35.40 33.39
CA ASP A 92 -11.27 34.50 32.29
C ASP A 92 -9.95 34.01 31.71
N ASP A 93 -9.03 34.94 31.50
CA ASP A 93 -7.75 34.66 30.86
C ASP A 93 -7.01 33.53 31.57
N GLU A 94 -7.02 33.54 32.90
CA GLU A 94 -6.21 32.59 33.69
C GLU A 94 -6.91 31.27 33.83
N LEU A 95 -8.23 31.31 33.88
CA LEU A 95 -9.04 30.10 33.84
C LEU A 95 -8.75 29.31 32.58
N LEU A 96 -8.62 30.02 31.47
CA LEU A 96 -8.29 29.41 30.18
C LEU A 96 -6.98 28.62 30.22
N GLN A 97 -5.99 29.14 30.93
CA GLN A 97 -4.69 28.48 31.02
C GLN A 97 -4.85 27.13 31.69
N LEU A 98 -5.62 27.12 32.76
CA LEU A 98 -5.85 25.88 33.49
C LEU A 98 -6.47 24.80 32.59
N ALA A 99 -7.43 25.24 31.79
CA ALA A 99 -8.11 24.37 30.86
C ALA A 99 -7.13 23.84 29.84
N ARG A 100 -6.24 24.69 29.36
CA ARG A 100 -5.21 24.23 28.47
C ARG A 100 -4.30 23.24 29.18
N GLN A 101 -3.90 23.55 30.40
CA GLN A 101 -3.02 22.70 31.17
C GLN A 101 -3.67 21.35 31.41
N LEU A 102 -4.96 21.37 31.66
CA LEU A 102 -5.68 20.14 31.87
C LEU A 102 -5.77 19.27 30.61
N TYR A 103 -5.96 19.91 29.46
CA TYR A 103 -6.08 19.17 28.20
C TYR A 103 -4.87 18.30 27.99
N GLU A 104 -3.71 18.90 28.19
CA GLU A 104 -2.43 18.27 27.96
C GLU A 104 -2.16 17.09 28.86
N LEU A 105 -2.52 17.20 30.12
CA LEU A 105 -2.46 16.07 31.02
C LEU A 105 -3.44 15.01 30.58
N LEU A 106 -4.62 15.43 30.16
CA LEU A 106 -5.61 14.52 29.59
C LEU A 106 -5.21 13.88 28.26
N VAL A 107 -4.64 14.68 27.36
CA VAL A 107 -3.99 14.16 26.18
C VAL A 107 -2.53 14.55 26.25
N PRO A 108 -1.66 13.55 26.71
CA PRO A 108 -0.24 13.95 26.62
C PRO A 108 0.25 14.11 25.18
N GLN A 109 -0.32 13.35 24.27
CA GLN A 109 0.15 13.25 22.90
C GLN A 109 0.08 14.58 22.22
N ALA A 110 -0.70 15.48 22.78
CA ALA A 110 -0.92 16.80 22.22
C ALA A 110 0.38 17.55 22.15
N ILE A 111 1.23 17.34 23.15
CA ILE A 111 2.52 17.99 23.23
C ILE A 111 3.68 17.06 22.89
N GLY A 112 3.38 15.99 22.17
CA GLY A 112 4.37 14.98 21.79
C GLY A 112 4.88 14.06 22.89
N ALA A 113 4.13 13.92 23.97
CA ALA A 113 4.54 13.02 25.04
C ALA A 113 3.79 11.71 24.87
N LYS A 114 3.69 10.94 25.95
CA LYS A 114 3.07 9.62 25.92
C LYS A 114 2.08 9.54 27.07
N GLY A 115 1.05 8.72 26.91
CA GLY A 115 0.10 8.54 27.99
C GLY A 115 -0.67 7.25 27.83
N ASP A 116 -1.18 6.73 28.94
CA ASP A 116 -2.03 5.55 28.92
C ASP A 116 -3.44 5.96 29.31
N ALA A 117 -4.38 5.78 28.37
CA ALA A 117 -5.78 6.09 28.63
C ALA A 117 -6.30 5.32 29.82
N GLN A 118 -5.85 4.08 29.97
CA GLN A 118 -6.24 3.32 31.13
C GLN A 118 -5.82 4.04 32.39
N GLN A 119 -4.55 4.45 32.48
CA GLN A 119 -4.12 5.21 33.63
C GLN A 119 -4.72 6.59 33.74
N ILE A 120 -4.75 7.35 32.66
CA ILE A 120 -5.24 8.73 32.74
C ILE A 120 -6.76 8.78 32.97
N ALA A 121 -7.48 7.78 32.48
CA ALA A 121 -8.90 7.65 32.82
C ALA A 121 -9.05 7.29 34.29
N ARG A 122 -8.23 6.32 34.76
CA ARG A 122 -8.34 5.82 36.12
C ARG A 122 -8.06 6.95 37.09
N LYS A 123 -7.05 7.77 36.79
CA LYS A 123 -6.66 8.84 37.70
C LYS A 123 -7.62 9.99 37.65
N PHE A 124 -7.98 10.43 36.45
CA PHE A 124 -8.62 11.74 36.30
C PHE A 124 -10.13 11.86 36.37
N LEU A 125 -10.85 10.77 36.13
CA LEU A 125 -12.29 10.84 36.15
C LEU A 125 -12.81 11.29 37.51
N SER A 126 -12.35 10.65 38.58
CA SER A 126 -12.95 10.90 39.90
C SER A 126 -12.82 12.35 40.38
N PRO A 127 -11.66 12.98 40.16
CA PRO A 127 -11.64 14.37 40.56
C PRO A 127 -12.44 15.22 39.61
N LEU A 128 -12.51 14.82 38.36
CA LEU A 128 -13.22 15.60 37.37
C LEU A 128 -14.73 15.47 37.47
N ALA A 129 -15.24 14.27 37.63
CA ALA A 129 -16.66 14.05 37.41
C ALA A 129 -17.38 13.86 38.71
N ASP A 130 -16.65 13.95 39.79
CA ASP A 130 -17.19 13.63 41.09
C ASP A 130 -17.12 14.76 42.07
N LYS A 131 -18.22 15.03 42.76
CA LYS A 131 -18.12 15.69 44.01
C LYS A 131 -17.65 14.56 44.88
N ASP A 132 -16.61 14.77 45.65
CA ASP A 132 -16.01 13.66 46.36
C ASP A 132 -17.04 13.08 47.32
N ALA A 133 -17.84 13.94 47.94
CA ALA A 133 -18.90 13.48 48.86
C ALA A 133 -19.97 12.68 48.13
N VAL A 134 -20.31 11.54 48.72
CA VAL A 134 -21.24 10.57 48.15
C VAL A 134 -21.26 10.58 46.62
N ARG A 174 3.26 16.89 37.98
CA ARG A 174 2.77 18.21 38.39
C ARG A 174 1.33 18.43 37.90
N THR A 175 0.47 17.50 38.27
CA THR A 175 -0.95 17.54 37.94
C THR A 175 -1.71 18.07 39.16
N ALA A 176 -1.30 17.63 40.35
CA ALA A 176 -2.03 17.98 41.56
C ALA A 176 -2.05 19.48 41.81
N ASP A 177 -1.18 20.22 41.13
CA ASP A 177 -1.34 21.65 41.06
C ASP A 177 -2.62 21.92 40.30
N VAL A 178 -2.83 21.20 39.20
CA VAL A 178 -3.97 21.51 38.37
C VAL A 178 -5.26 21.23 39.10
N LEU A 179 -5.38 20.08 39.75
CA LEU A 179 -6.61 19.77 40.45
C LEU A 179 -6.89 20.66 41.64
N ARG A 180 -5.87 20.93 42.43
CA ARG A 180 -6.06 21.76 43.59
C ARG A 180 -6.48 23.10 43.07
N ALA A 181 -5.84 23.52 41.98
CA ALA A 181 -6.12 24.80 41.40
C ALA A 181 -7.55 24.85 40.92
N LEU A 182 -8.02 23.74 40.38
CA LEU A 182 -9.37 23.64 39.85
C LEU A 182 -10.46 23.79 40.89
N ALA A 183 -10.33 23.09 42.00
CA ALA A 183 -11.28 23.13 43.10
C ALA A 183 -11.28 24.49 43.75
N ASP A 184 -10.14 25.14 43.70
CA ASP A 184 -10.02 26.48 44.21
C ASP A 184 -10.92 27.38 43.41
N PHE A 185 -11.13 27.00 42.16
CA PHE A 185 -11.89 27.78 41.21
C PHE A 185 -13.32 27.28 41.12
N GLY A 186 -13.65 26.28 41.92
CA GLY A 186 -15.01 25.80 41.99
C GLY A 186 -15.45 24.85 40.93
N LEU A 187 -14.50 24.25 40.23
CA LEU A 187 -14.81 23.44 39.07
C LEU A 187 -14.79 21.93 39.32
N LYS A 188 -14.95 21.53 40.57
CA LYS A 188 -15.12 20.13 40.92
C LYS A 188 -16.55 19.85 41.39
N PRO A 189 -17.23 18.88 40.78
CA PRO A 189 -16.65 18.17 39.63
C PRO A 189 -16.78 18.97 38.35
N LEU A 190 -15.83 18.85 37.44
CA LEU A 190 -15.89 19.61 36.18
C LEU A 190 -17.04 19.28 35.26
N ARG A 192 -20.31 16.47 34.09
CA ARG A 192 -21.30 15.56 34.59
C ARG A 192 -20.84 14.16 34.30
N VAL A 193 -21.47 13.20 34.96
CA VAL A 193 -21.22 11.80 34.74
C VAL A 193 -22.37 11.30 33.91
N TYR A 194 -22.10 10.78 32.72
CA TYR A 194 -23.14 10.60 31.73
C TYR A 194 -24.26 9.65 32.10
N THR A 195 -23.95 8.50 32.66
CA THR A 195 -24.96 7.56 33.06
C THR A 195 -25.81 8.03 34.21
N ASP A 196 -25.19 8.69 35.18
CA ASP A 196 -25.96 9.30 36.25
C ASP A 196 -26.35 10.68 35.80
N SER A 197 -27.21 10.74 34.79
CA SER A 197 -27.50 11.98 34.11
C SER A 197 -28.82 12.04 33.42
N GLU A 198 -29.15 13.27 33.05
CA GLU A 198 -30.29 13.63 32.23
C GLU A 198 -30.21 13.09 30.83
N SER A 200 -28.98 10.40 29.63
CA SER A 200 -29.27 9.01 29.47
C SER A 200 -30.73 8.78 29.71
N SER A 201 -31.36 8.09 28.77
CA SER A 201 -32.76 7.79 28.89
C SER A 201 -32.94 6.46 29.57
N VAL A 202 -31.85 5.90 30.07
CA VAL A 202 -31.83 4.54 30.55
C VAL A 202 -31.74 4.43 32.06
N GLU A 203 -32.44 3.43 32.57
CA GLU A 203 -32.53 3.09 34.00
C GLU A 203 -31.35 2.10 34.04
N TRP A 204 -30.39 2.33 34.93
CA TRP A 204 -29.13 1.53 35.02
C TRP A 204 -29.34 0.84 36.35
N LYS A 205 -28.38 0.00 36.76
CA LYS A 205 -28.44 -0.58 38.09
C LYS A 205 -28.04 0.52 39.08
N PRO A 206 -28.62 0.52 40.26
CA PRO A 206 -28.50 1.67 41.15
C PRO A 206 -27.10 1.96 41.63
N LEU A 207 -26.84 3.21 41.97
CA LEU A 207 -25.51 3.62 42.41
C LEU A 207 -25.45 3.68 43.92
N ARG A 208 -24.48 2.99 44.51
CA ARG A 208 -24.34 2.95 45.96
C ARG A 208 -22.89 2.88 46.38
N LYS A 209 -22.66 2.95 47.68
CA LYS A 209 -21.32 2.81 48.23
C LYS A 209 -20.47 4.04 48.00
N GLY A 210 -21.11 5.18 47.79
CA GLY A 210 -20.40 6.43 47.62
C GLY A 210 -19.43 6.39 46.45
N GLN A 211 -19.82 5.68 45.39
CA GLN A 211 -19.08 5.69 44.14
C GLN A 211 -19.95 6.40 43.14
N ALA A 212 -19.44 7.47 42.55
CA ALA A 212 -20.23 8.29 41.64
C ALA A 212 -20.15 7.86 40.21
N VAL A 213 -19.24 6.97 39.89
CA VAL A 213 -19.08 6.55 38.52
C VAL A 213 -19.42 5.09 38.33
N ARG A 214 -20.32 4.81 37.42
CA ARG A 214 -20.61 3.46 37.04
C ARG A 214 -19.46 3.04 36.17
N THR A 215 -19.37 1.76 35.86
CA THR A 215 -18.24 1.25 35.12
C THR A 215 -18.19 1.95 33.78
N TRP A 216 -19.36 2.14 33.18
CA TRP A 216 -19.49 2.67 31.81
C TRP A 216 -19.02 4.12 31.75
N ASP A 217 -19.20 4.88 32.80
CA ASP A 217 -18.74 6.24 32.77
C ASP A 217 -17.26 6.20 32.56
N ARG A 218 -16.61 5.21 33.14
CA ARG A 218 -15.17 4.98 32.91
C ARG A 218 -14.81 4.61 31.47
N ASP A 219 -15.48 3.63 30.91
CA ASP A 219 -15.18 3.18 29.54
C ASP A 219 -15.29 4.32 28.49
N PHE A 221 -15.14 7.60 29.13
CA PHE A 221 -14.15 8.62 29.33
C PHE A 221 -12.84 8.21 28.66
N GLN A 222 -12.42 6.99 28.94
CA GLN A 222 -11.20 6.41 28.44
C GLN A 222 -11.18 6.32 26.94
N GLN A 223 -12.31 5.99 26.34
CA GLN A 223 -12.45 5.99 24.90
C GLN A 223 -12.27 7.36 24.34
N ALA A 224 -12.82 8.33 25.03
CA ALA A 224 -12.71 9.72 24.63
C ALA A 224 -11.29 10.24 24.63
N ILE A 225 -10.53 9.87 25.65
CA ILE A 225 -9.11 10.13 25.65
C ILE A 225 -8.36 9.33 24.60
N GLU A 226 -8.69 8.06 24.47
CA GLU A 226 -7.93 7.20 23.58
C GLU A 226 -8.06 7.78 22.20
N ARG A 227 -9.25 8.23 21.88
CA ARG A 227 -9.55 8.81 20.58
C ARG A 227 -8.82 10.10 20.29
N SER A 230 -5.12 9.56 19.65
CA SER A 230 -4.93 9.17 18.27
C SER A 230 -5.10 10.32 17.34
N TRP A 231 -6.13 11.12 17.55
CA TRP A 231 -6.41 12.20 16.64
C TRP A 231 -5.29 13.19 16.68
N GLU A 232 -4.82 13.49 17.88
CA GLU A 232 -3.77 14.51 18.04
C GLU A 232 -2.49 14.15 17.30
N SER A 233 -2.11 12.89 17.34
CA SER A 233 -0.92 12.43 16.62
C SER A 233 -1.18 12.35 15.10
N TRP A 234 -2.41 12.06 14.71
CA TRP A 234 -2.77 12.09 13.30
C TRP A 234 -2.78 13.48 12.73
N ASN A 235 -3.31 14.46 13.47
CA ASN A 235 -3.32 15.83 12.98
C ASN A 235 -1.93 16.41 12.84
N GLN A 236 -1.07 16.10 13.80
CA GLN A 236 0.32 16.55 13.75
C GLN A 236 1.07 16.02 12.51
N ARG A 237 0.85 14.74 12.23
CA ARG A 237 1.47 14.07 11.08
C ARG A 237 0.97 14.65 9.77
N VAL A 238 -0.34 14.72 9.58
CA VAL A 238 -0.84 15.27 8.32
C VAL A 238 -0.43 16.72 8.13
N GLY A 239 -0.33 17.47 9.23
CA GLY A 239 0.08 18.87 9.16
C GLY A 239 1.54 19.01 8.77
N GLN A 240 2.36 18.10 9.29
CA GLN A 240 3.77 18.04 8.99
C GLN A 240 4.03 17.66 7.51
N GLU A 241 3.37 16.60 7.06
CA GLU A 241 3.58 16.11 5.70
C GLU A 241 3.40 17.24 4.70
N TYR A 242 2.38 18.07 4.89
CA TYR A 242 2.13 19.21 4.02
C TYR A 242 3.33 20.16 3.95
N ALA A 243 3.85 20.53 5.12
CA ALA A 243 5.03 21.39 5.15
C ALA A 243 6.22 20.73 4.43
N LYS A 244 6.50 19.45 4.70
CA LYS A 244 7.60 18.75 4.01
C LYS A 244 7.35 18.70 2.50
N LEU A 245 6.10 18.50 2.10
CA LEU A 245 5.74 18.60 0.71
C LEU A 245 6.07 19.98 0.24
N VAL A 246 5.57 21.00 0.93
CA VAL A 246 5.83 22.38 0.53
C VAL A 246 7.32 22.67 0.50
N GLU A 247 8.04 22.21 1.53
CA GLU A 247 9.46 22.49 1.64
C GLU A 247 10.27 21.73 0.58
N GLN A 248 9.96 20.46 0.38
CA GLN A 248 10.66 19.62 -0.61
C GLN A 248 10.33 20.02 -2.04
N LYS A 249 9.05 20.25 -2.30
CA LYS A 249 8.62 20.86 -3.55
C LYS A 249 9.35 22.14 -3.82
N ASN A 250 9.49 22.97 -2.78
CA ASN A 250 10.06 24.28 -2.97
C ASN A 250 11.55 24.25 -3.32
N ARG A 251 12.19 23.13 -2.97
CA ARG A 251 13.57 22.83 -3.38
C ARG A 251 13.63 22.80 -4.89
N PHE A 252 12.87 21.88 -5.48
CA PHE A 252 12.82 21.71 -6.93
C PHE A 252 12.66 23.04 -7.66
N GLU A 253 11.80 23.91 -7.12
CA GLU A 253 11.66 25.27 -7.61
C GLU A 253 12.97 26.04 -7.43
N GLN A 254 13.61 25.87 -6.28
CA GLN A 254 14.89 26.54 -5.99
C GLN A 254 16.02 26.12 -6.94
N LYS A 255 16.31 24.83 -6.96
CA LYS A 255 17.40 24.34 -7.78
C LYS A 255 17.16 24.39 -9.27
N ASN A 256 16.03 23.88 -9.71
CA ASN A 256 15.76 23.77 -11.13
C ASN A 256 15.45 24.99 -11.98
N PHE A 257 14.67 25.94 -11.49
CA PHE A 257 14.24 27.04 -12.34
C PHE A 257 15.07 28.31 -12.34
N VAL A 258 15.87 28.52 -11.30
CA VAL A 258 17.05 29.34 -11.40
C VAL A 258 16.85 30.67 -12.10
N GLY A 259 15.91 31.48 -11.63
CA GLY A 259 15.72 32.79 -12.22
C GLY A 259 15.36 32.82 -13.69
N GLN A 260 14.50 31.91 -14.13
CA GLN A 260 13.92 31.99 -15.46
C GLN A 260 12.42 31.87 -15.31
N GLU A 261 11.83 32.87 -14.66
CA GLU A 261 10.42 32.88 -14.34
C GLU A 261 9.61 32.87 -15.60
N HIS A 262 10.13 33.54 -16.61
CA HIS A 262 9.35 33.85 -17.78
C HIS A 262 8.85 32.59 -18.43
N LEU A 263 9.71 31.58 -18.52
CA LEU A 263 9.30 30.35 -19.15
C LEU A 263 8.16 29.76 -18.35
N VAL A 264 8.28 29.83 -17.04
CA VAL A 264 7.29 29.22 -16.15
C VAL A 264 5.95 29.89 -16.41
N HIS A 265 5.95 31.22 -16.43
CA HIS A 265 4.74 32.00 -16.67
C HIS A 265 4.12 31.63 -18.02
N LEU A 266 4.98 31.41 -19.01
CA LEU A 266 4.53 31.05 -20.34
C LEU A 266 3.71 29.76 -20.33
N VAL A 267 4.17 28.75 -19.61
CA VAL A 267 3.44 27.49 -19.54
C VAL A 267 2.15 27.69 -18.76
N ASN A 268 2.26 28.37 -17.62
CA ASN A 268 1.08 28.76 -16.87
C ASN A 268 0.09 29.34 -17.88
N GLN A 269 0.57 30.29 -18.68
CA GLN A 269 -0.25 30.93 -19.70
C GLN A 269 -0.71 29.95 -20.78
N LEU A 270 0.14 28.98 -21.12
CA LEU A 270 -0.20 27.89 -22.06
C LEU A 270 -1.32 26.97 -21.55
N GLN A 271 -1.19 26.53 -20.30
CA GLN A 271 -2.13 25.57 -19.74
C GLN A 271 -3.56 26.17 -19.76
N GLN A 272 -3.64 27.48 -19.50
CA GLN A 272 -4.92 28.20 -19.51
C GLN A 272 -5.44 28.44 -20.92
N ASP A 273 -4.51 28.56 -21.85
CA ASP A 273 -4.83 28.63 -23.26
C ASP A 273 -5.49 27.34 -23.66
N LYS A 275 -7.04 25.08 -21.55
CA LYS A 275 -8.32 24.90 -20.86
C LYS A 275 -9.37 25.98 -21.17
N GLU A 276 -9.12 26.84 -22.17
CA GLU A 276 -9.92 28.06 -22.43
C GLU A 276 -11.31 27.86 -23.06
N ALA A 277 -11.52 26.79 -23.83
CA ALA A 277 -12.85 26.49 -24.41
C ALA A 277 -13.03 25.03 -24.83
N THR A 292 0.40 19.28 -18.31
CA THR A 292 1.45 18.62 -19.08
C THR A 292 1.67 17.15 -18.66
N GLY A 293 2.11 16.92 -17.43
CA GLY A 293 2.42 15.56 -17.02
C GLY A 293 3.35 14.92 -18.03
N ARG A 294 3.09 13.66 -18.34
CA ARG A 294 3.92 12.85 -19.22
C ARG A 294 3.19 12.44 -20.48
N ALA A 295 2.26 13.28 -20.89
CA ALA A 295 1.62 13.24 -22.20
C ALA A 295 2.83 14.11 -22.48
N LEU A 296 3.35 14.01 -23.69
CA LEU A 296 4.54 14.76 -24.01
C LEU A 296 5.62 13.69 -24.10
N ARG A 297 5.22 12.54 -24.58
CA ARG A 297 6.09 11.40 -24.77
C ARG A 297 7.19 11.53 -25.85
N GLY A 298 6.85 12.14 -26.98
CA GLY A 298 7.77 12.28 -28.14
C GLY A 298 8.57 13.58 -28.24
N SER A 299 8.71 14.27 -27.10
CA SER A 299 9.31 15.59 -27.07
C SER A 299 10.76 15.56 -27.55
N ASP A 300 11.51 14.54 -27.15
CA ASP A 300 12.86 14.41 -27.66
C ASP A 300 12.82 14.50 -29.17
N LYS A 301 11.98 13.66 -29.77
CA LYS A 301 11.97 13.48 -31.23
C LYS A 301 11.27 14.61 -31.93
N VAL A 302 10.06 14.93 -31.51
CA VAL A 302 9.36 16.04 -32.12
C VAL A 302 10.19 17.33 -32.07
N PHE A 303 10.81 17.58 -30.93
CA PHE A 303 11.61 18.78 -30.72
C PHE A 303 12.94 18.78 -31.51
N GLU A 304 13.52 17.59 -31.73
CA GLU A 304 14.74 17.46 -32.57
C GLU A 304 14.47 17.87 -34.02
N LYS A 305 13.34 17.37 -34.53
CA LYS A 305 12.89 17.59 -35.92
C LYS A 305 12.46 19.03 -36.18
N TRP A 306 11.80 19.64 -35.23
CA TRP A 306 11.31 20.98 -35.41
C TRP A 306 12.46 21.92 -35.58
N GLY A 307 13.60 21.56 -35.03
CA GLY A 307 14.73 22.47 -35.01
C GLY A 307 15.03 22.85 -36.44
N LYS A 308 14.87 21.91 -37.35
CA LYS A 308 15.07 22.18 -38.75
C LYS A 308 14.10 23.23 -39.24
N LEU A 309 12.88 23.18 -38.74
CA LEU A 309 11.83 24.12 -39.12
C LEU A 309 12.11 25.47 -38.51
N ALA A 310 11.50 26.51 -39.07
CA ALA A 310 11.82 27.87 -38.69
C ALA A 310 10.67 28.59 -38.02
N PRO A 311 11.05 29.52 -37.04
CA PRO A 311 9.92 30.31 -36.54
C PRO A 311 9.51 31.24 -37.66
N ASP A 312 8.29 31.76 -37.63
CA ASP A 312 7.76 32.48 -38.78
C ASP A 312 7.63 31.55 -39.96
N ALA A 313 7.25 30.31 -39.69
CA ALA A 313 7.08 29.33 -40.75
C ALA A 313 5.72 28.66 -40.68
N PRO A 314 5.27 28.08 -41.88
CA PRO A 314 3.90 27.53 -41.77
C PRO A 314 3.76 26.39 -40.79
N PHE A 315 2.62 26.37 -40.09
CA PHE A 315 2.28 25.35 -39.12
C PHE A 315 2.15 23.99 -39.75
N ASP A 316 1.63 23.95 -40.97
CA ASP A 316 1.30 22.69 -41.57
C ASP A 316 2.56 21.85 -41.60
N LEU A 317 3.69 22.48 -41.86
CA LEU A 317 4.95 21.78 -41.85
C LEU A 317 5.21 21.20 -40.47
N TYR A 318 4.86 21.95 -39.44
CA TYR A 318 4.96 21.49 -38.06
C TYR A 318 4.06 20.31 -37.72
N ASP A 319 2.82 20.35 -38.20
CA ASP A 319 1.86 19.32 -37.90
C ASP A 319 2.35 18.01 -38.47
N ALA A 320 2.98 18.11 -39.64
CA ALA A 320 3.46 16.95 -40.36
C ALA A 320 4.50 16.16 -39.59
N GLU A 321 5.39 16.87 -38.91
CA GLU A 321 6.41 16.22 -38.10
C GLU A 321 5.82 15.43 -36.94
N ILE A 322 4.81 15.99 -36.30
CA ILE A 322 4.06 15.34 -35.22
C ILE A 322 3.51 14.02 -35.72
N LYS A 323 2.92 14.05 -36.92
CA LYS A 323 2.36 12.86 -37.57
C LYS A 323 3.43 11.79 -37.85
N ASN A 324 4.61 12.25 -38.26
CA ASN A 324 5.78 11.37 -38.46
C ASN A 324 6.22 10.61 -37.22
N VAL A 325 6.20 11.27 -36.08
CA VAL A 325 6.64 10.64 -34.85
C VAL A 325 5.50 9.80 -34.26
N GLN A 326 4.26 10.13 -34.56
CA GLN A 326 3.12 9.38 -34.06
C GLN A 326 3.13 7.94 -34.55
N ARG A 327 3.43 7.76 -35.83
CA ARG A 327 3.58 6.44 -36.42
C ARG A 327 4.81 5.66 -35.95
N ARG A 328 5.95 6.33 -35.84
CA ARG A 328 7.13 5.68 -35.34
C ARG A 328 6.86 5.28 -33.91
N ASN A 329 6.30 6.21 -33.15
CA ASN A 329 6.12 6.04 -31.71
C ASN A 329 4.73 5.60 -31.27
N THR A 330 3.79 5.43 -32.18
CA THR A 330 2.53 4.91 -31.72
C THR A 330 2.85 3.47 -31.36
N ARG A 331 2.22 2.94 -30.32
CA ARG A 331 1.15 3.63 -29.62
C ARG A 331 1.52 4.92 -28.89
N ARG A 332 2.70 4.94 -28.26
CA ARG A 332 2.96 5.88 -27.18
C ARG A 332 3.33 7.27 -27.65
N PHE A 333 2.37 8.19 -27.55
CA PHE A 333 2.58 9.55 -27.98
C PHE A 333 1.75 10.46 -27.10
N GLY A 334 2.27 11.65 -26.84
CA GLY A 334 1.61 12.66 -26.04
C GLY A 334 0.52 13.25 -26.87
N SER A 335 -0.38 13.99 -26.26
CA SER A 335 -1.56 14.45 -26.98
C SER A 335 -1.08 15.26 -28.15
N HIS A 336 -1.76 15.11 -29.28
CA HIS A 336 -1.38 15.83 -30.46
C HIS A 336 -1.49 17.29 -30.12
N ASP A 337 -2.54 17.59 -29.39
CA ASP A 337 -2.94 18.93 -29.07
C ASP A 337 -1.91 19.66 -28.24
N LEU A 338 -1.23 18.95 -27.36
CA LEU A 338 -0.18 19.56 -26.57
C LEU A 338 0.90 20.00 -27.53
N PHE A 339 1.29 19.07 -28.39
CA PHE A 339 2.30 19.36 -29.38
C PHE A 339 1.85 20.41 -30.37
N ALA A 340 0.61 20.31 -30.83
CA ALA A 340 0.13 21.25 -31.82
C ALA A 340 0.17 22.63 -31.21
N LYS A 341 -0.22 22.71 -29.95
CA LYS A 341 -0.19 23.97 -29.24
C LYS A 341 1.24 24.46 -29.17
N LEU A 342 2.16 23.52 -29.08
CA LEU A 342 3.58 23.83 -28.96
C LEU A 342 4.05 24.59 -30.17
N ALA A 343 3.49 24.26 -31.31
CA ALA A 343 3.95 24.69 -32.63
C ALA A 343 3.94 26.20 -32.86
N GLU A 344 3.09 26.93 -32.15
CA GLU A 344 2.86 28.33 -32.47
C GLU A 344 3.99 29.20 -31.94
N PRO A 345 3.69 30.57 -31.81
CA PRO A 345 4.86 31.39 -31.43
C PRO A 345 5.25 31.13 -29.99
N GLU A 346 4.59 30.14 -29.42
CA GLU A 346 4.75 29.73 -28.03
C GLU A 346 5.78 28.64 -27.94
N TYR A 347 6.49 28.40 -29.03
CA TYR A 347 7.40 27.29 -29.10
C TYR A 347 8.72 27.63 -28.44
N GLN A 348 8.76 28.80 -27.83
CA GLN A 348 9.94 29.22 -27.11
C GLN A 348 10.15 28.25 -25.97
N ALA A 349 9.08 27.68 -25.44
CA ALA A 349 9.23 26.75 -24.34
C ALA A 349 10.07 25.54 -24.75
N LEU A 350 9.76 24.94 -25.88
CA LEU A 350 10.68 24.02 -26.54
C LEU A 350 11.89 24.68 -27.19
N TRP A 351 11.62 25.78 -27.89
CA TRP A 351 12.56 26.37 -28.83
C TRP A 351 13.84 26.88 -28.19
N ARG A 352 13.69 27.53 -27.04
CA ARG A 352 14.79 28.23 -26.40
C ARG A 352 15.37 27.37 -25.29
N GLU A 353 16.66 27.09 -25.38
CA GLU A 353 17.25 26.22 -24.39
C GLU A 353 17.04 26.89 -23.07
N ASP A 354 16.73 26.08 -22.06
CA ASP A 354 16.75 24.63 -22.21
C ASP A 354 15.55 24.07 -22.96
N ALA A 355 15.83 23.06 -23.77
CA ALA A 355 14.85 22.16 -24.36
C ALA A 355 14.16 21.35 -23.27
N SER A 356 14.93 21.02 -22.26
CA SER A 356 14.59 20.06 -21.22
C SER A 356 13.43 20.53 -20.40
N PHE A 357 13.13 21.81 -20.51
CA PHE A 357 12.31 22.49 -19.54
C PHE A 357 10.91 21.89 -19.35
N LEU A 358 10.22 21.55 -20.43
CA LEU A 358 8.92 20.93 -20.29
C LEU A 358 9.01 19.57 -19.61
N THR A 359 10.01 18.79 -20.00
CA THR A 359 10.22 17.48 -19.40
C THR A 359 10.57 17.62 -17.95
N ARG A 360 11.42 18.60 -17.64
CA ARG A 360 11.74 18.93 -16.27
C ARG A 360 10.51 19.46 -15.55
N TYR A 361 9.76 20.31 -16.23
CA TYR A 361 8.59 20.95 -15.65
C TYR A 361 7.53 19.94 -15.29
N ALA A 362 7.31 18.99 -16.18
CA ALA A 362 6.27 17.98 -16.00
C ALA A 362 6.34 17.39 -14.60
N VAL A 363 7.55 17.20 -14.11
CA VAL A 363 7.80 16.66 -12.77
C VAL A 363 7.32 17.63 -11.70
N TYR A 364 7.68 18.89 -11.85
CA TYR A 364 7.28 19.93 -10.93
C TYR A 364 5.76 19.95 -10.81
N ASN A 365 5.07 19.77 -11.94
CA ASN A 365 3.60 19.64 -11.93
C ASN A 365 3.15 18.38 -11.22
N SER A 366 3.87 17.28 -11.37
CA SER A 366 3.62 16.10 -10.53
C SER A 366 3.57 16.50 -9.06
N ILE A 367 4.63 17.12 -8.57
CA ILE A 367 4.72 17.54 -7.18
C ILE A 367 3.71 18.59 -6.80
N LEU A 368 3.48 19.51 -7.71
CA LEU A 368 2.59 20.62 -7.45
C LEU A 368 1.19 20.15 -7.20
N ARG A 369 0.75 19.14 -7.93
CA ARG A 369 -0.58 18.59 -7.69
C ARG A 369 -0.66 17.99 -6.30
N LYS A 370 0.38 17.30 -5.88
CA LYS A 370 0.29 16.51 -4.66
C LYS A 370 -0.02 17.37 -3.47
N LEU A 371 0.61 18.53 -3.36
CA LEU A 371 0.24 19.46 -2.31
C LEU A 371 -1.18 19.91 -2.55
N ASN A 372 -1.54 20.10 -3.81
CA ASN A 372 -2.87 20.53 -4.18
C ASN A 372 -3.91 19.53 -3.74
N HIS A 373 -3.54 18.26 -3.81
CA HIS A 373 -4.41 17.16 -3.41
C HIS A 373 -4.17 16.67 -1.99
N ALA A 374 -3.33 17.38 -1.26
CA ALA A 374 -2.97 16.98 0.10
C ALA A 374 -3.38 18.05 1.09
N LYS A 375 -3.79 17.61 2.28
CA LYS A 375 -4.47 18.47 3.24
C LYS A 375 -3.69 18.76 4.50
N PHE A 377 -4.74 19.92 7.69
CA PHE A 377 -5.25 19.54 8.98
C PHE A 377 -6.02 18.25 8.85
N ALA A 378 -5.88 17.38 9.85
CA ALA A 378 -6.76 16.23 10.01
C ALA A 378 -8.13 16.76 10.41
N THR A 379 -9.15 16.40 9.64
CA THR A 379 -10.50 16.84 9.91
C THR A 379 -11.09 16.19 11.15
N PHE A 380 -11.94 16.93 11.86
CA PHE A 380 -12.51 16.48 13.12
C PHE A 380 -13.97 16.16 13.07
N THR A 381 -14.31 14.96 13.51
CA THR A 381 -15.70 14.58 13.66
C THR A 381 -15.89 13.91 14.99
N LEU A 382 -16.94 14.31 15.71
CA LEU A 382 -17.32 13.68 16.97
C LEU A 382 -18.02 12.41 16.62
N PRO A 383 -17.93 11.39 17.48
CA PRO A 383 -18.62 10.16 17.13
C PRO A 383 -20.10 10.41 16.98
N ASP A 384 -20.72 9.59 16.15
CA ASP A 384 -22.14 9.59 15.95
C ASP A 384 -22.43 8.14 15.98
N ALA A 385 -23.60 7.77 16.47
CA ALA A 385 -23.93 6.37 16.55
C ALA A 385 -23.98 5.81 15.17
N THR A 386 -24.57 6.56 14.26
CA THR A 386 -24.83 6.11 12.92
C THR A 386 -23.82 6.56 11.89
N ALA A 387 -23.50 7.84 11.90
CA ALA A 387 -22.45 8.36 11.04
C ALA A 387 -21.03 7.96 11.37
N HIS A 388 -20.66 7.99 12.65
CA HIS A 388 -19.29 7.77 13.10
C HIS A 388 -19.23 6.80 14.27
N PRO A 389 -19.59 5.49 13.98
CA PRO A 389 -19.74 4.64 15.17
C PRO A 389 -18.48 4.30 15.93
N ILE A 390 -18.63 4.16 17.24
CA ILE A 390 -17.64 3.58 18.13
C ILE A 390 -18.44 2.52 18.82
N TRP A 391 -17.77 1.53 19.39
CA TRP A 391 -18.39 0.32 19.81
C TRP A 391 -18.36 0.19 21.31
N THR A 392 -19.41 -0.43 21.82
CA THR A 392 -19.49 -0.86 23.19
C THR A 392 -18.39 -1.88 23.42
N ARG A 393 -17.63 -1.68 24.48
CA ARG A 393 -16.42 -2.46 24.76
C ARG A 393 -16.63 -3.26 26.04
N PHE A 394 -16.06 -4.46 26.08
CA PHE A 394 -16.10 -5.28 27.29
C PHE A 394 -14.69 -5.72 27.72
N ASP A 395 -14.61 -6.35 28.88
CA ASP A 395 -13.36 -6.81 29.42
C ASP A 395 -13.39 -8.28 29.72
N LYS A 396 -12.24 -8.92 29.57
CA LYS A 396 -12.14 -10.34 29.75
C LYS A 396 -12.40 -10.54 31.20
N LEU A 397 -12.83 -11.73 31.60
CA LEU A 397 -13.23 -11.92 32.98
C LEU A 397 -12.04 -11.56 33.84
N GLY A 398 -12.29 -10.86 34.93
CA GLY A 398 -11.24 -10.34 35.77
C GLY A 398 -10.96 -8.97 35.22
N GLY A 399 -10.26 -8.12 35.96
CA GLY A 399 -9.99 -6.79 35.47
C GLY A 399 -11.23 -6.00 35.79
N ASN A 400 -11.17 -4.70 35.70
CA ASN A 400 -12.25 -3.90 36.24
C ASN A 400 -12.93 -3.12 35.18
N LEU A 401 -14.24 -3.29 35.12
CA LEU A 401 -15.17 -2.64 34.19
C LEU A 401 -16.13 -3.73 33.80
N HIS A 402 -16.87 -3.56 32.72
CA HIS A 402 -17.81 -4.58 32.28
C HIS A 402 -17.09 -5.76 31.71
N GLN A 403 -17.61 -6.95 31.95
CA GLN A 403 -16.92 -8.18 31.62
C GLN A 403 -17.82 -9.19 30.95
N TYR A 404 -17.23 -10.17 30.30
CA TYR A 404 -17.94 -11.26 29.67
C TYR A 404 -17.22 -12.56 29.85
N THR A 405 -17.94 -13.64 29.62
CA THR A 405 -17.38 -14.96 29.76
C THR A 405 -17.72 -15.80 28.56
N PHE A 406 -16.71 -16.40 27.94
CA PHE A 406 -16.96 -17.27 26.81
C PHE A 406 -17.39 -18.61 27.34
N LEU A 407 -18.43 -19.19 26.78
CA LEU A 407 -18.95 -20.44 27.27
C LEU A 407 -18.75 -21.44 26.19
N PHE A 408 -18.02 -22.51 26.49
CA PHE A 408 -17.79 -23.56 25.50
C PHE A 408 -18.88 -24.63 25.51
N ASN A 409 -19.50 -24.87 24.36
CA ASN A 409 -20.45 -25.95 24.21
C ASN A 409 -21.65 -25.76 25.11
N GLU A 410 -22.03 -24.51 25.30
CA GLU A 410 -23.10 -24.19 26.21
C GLU A 410 -24.43 -24.78 25.80
N PHE A 411 -24.76 -24.68 24.52
CA PHE A 411 -26.04 -25.19 24.03
C PHE A 411 -25.91 -26.47 23.24
N GLY A 412 -24.72 -27.03 23.20
CA GLY A 412 -24.49 -28.22 22.41
C GLY A 412 -23.02 -28.39 22.12
N GLU A 413 -22.71 -29.26 21.16
CA GLU A 413 -21.34 -29.47 20.77
C GLU A 413 -21.05 -28.55 19.63
N ARG A 414 -20.02 -27.73 19.81
CA ARG A 414 -19.60 -26.77 18.82
C ARG A 414 -20.49 -25.54 18.89
N ARG A 415 -21.42 -25.53 19.83
CA ARG A 415 -22.31 -24.41 20.01
C ARG A 415 -21.97 -23.72 21.31
N HIS A 416 -21.55 -22.47 21.22
CA HIS A 416 -21.02 -21.74 22.36
C HIS A 416 -21.95 -20.59 22.67
N ALA A 417 -21.57 -19.77 23.65
CA ALA A 417 -22.30 -18.55 23.93
C ALA A 417 -21.48 -17.60 24.77
N ILE A 418 -21.94 -16.37 24.82
CA ILE A 418 -21.24 -15.34 25.53
C ILE A 418 -22.09 -14.74 26.63
N ARG A 419 -21.63 -14.95 27.86
CA ARG A 419 -22.30 -14.41 29.03
C ARG A 419 -21.80 -13.00 29.31
N PHE A 420 -22.73 -12.06 29.34
CA PHE A 420 -22.45 -10.66 29.56
C PHE A 420 -22.86 -10.33 30.97
N HIS A 421 -21.91 -9.84 31.72
CA HIS A 421 -22.13 -9.51 33.10
C HIS A 421 -22.54 -8.18 32.52
N LYS A 422 -23.54 -7.55 33.11
CA LYS A 422 -23.92 -6.23 32.69
C LYS A 422 -24.40 -5.82 31.33
N LEU A 423 -25.17 -6.67 30.67
CA LEU A 423 -25.84 -6.31 29.43
C LEU A 423 -27.08 -5.49 29.78
N LEU A 424 -27.66 -4.82 28.82
CA LEU A 424 -28.85 -4.03 29.09
C LEU A 424 -30.00 -4.50 28.21
N LYS A 425 -31.24 -4.26 28.63
CA LYS A 425 -32.39 -4.71 27.87
C LYS A 425 -33.55 -3.75 28.03
N VAL A 426 -34.35 -3.58 26.98
CA VAL A 426 -35.53 -2.72 27.03
C VAL A 426 -36.83 -3.49 26.86
N GLU A 427 -37.76 -3.24 27.78
CA GLU A 427 -39.05 -3.87 27.74
C GLU A 427 -40.13 -2.81 27.62
N ASN A 428 -41.00 -2.98 26.65
CA ASN A 428 -42.17 -2.15 26.55
C ASN A 428 -41.81 -0.70 26.41
N GLY A 429 -40.72 -0.42 25.73
CA GLY A 429 -40.30 0.95 25.53
C GLY A 429 -39.56 1.53 26.70
N VAL A 430 -39.36 0.72 27.73
CA VAL A 430 -38.57 1.11 28.87
C VAL A 430 -37.26 0.35 28.81
N ALA A 431 -36.16 1.07 28.96
CA ALA A 431 -34.87 0.46 28.86
C ALA A 431 -34.29 0.38 30.21
N ARG A 432 -34.16 -0.83 30.74
CA ARG A 432 -33.56 -0.99 32.05
C ARG A 432 -32.37 -1.87 31.89
N GLU A 433 -31.46 -1.84 32.87
CA GLU A 433 -30.29 -2.72 32.91
C GLU A 433 -30.60 -4.15 33.39
N VAL A 434 -29.71 -5.08 33.06
CA VAL A 434 -29.85 -6.49 33.42
C VAL A 434 -28.52 -7.00 33.95
N ASP A 435 -28.48 -8.14 34.64
CA ASP A 435 -27.22 -8.62 35.20
C ASP A 435 -26.45 -9.73 34.47
N ASP A 436 -27.07 -10.87 34.19
CA ASP A 436 -26.35 -11.95 33.50
C ASP A 436 -27.09 -12.48 32.29
N VAL A 437 -26.50 -12.34 31.11
CA VAL A 437 -27.15 -12.73 29.88
C VAL A 437 -26.30 -13.65 29.03
N THR A 438 -26.84 -14.76 28.57
CA THR A 438 -26.09 -15.58 27.63
C THR A 438 -26.75 -15.45 26.28
N VAL A 439 -25.94 -15.44 25.24
CA VAL A 439 -26.38 -15.25 23.87
C VAL A 439 -25.73 -16.31 23.03
N PRO A 440 -26.53 -17.07 22.28
CA PRO A 440 -25.90 -18.03 21.40
C PRO A 440 -25.02 -17.35 20.38
N ILE A 441 -24.34 -18.16 19.59
CA ILE A 441 -23.35 -17.66 18.71
C ILE A 441 -23.24 -18.61 17.53
N SER A 442 -23.28 -18.06 16.32
CA SER A 442 -23.27 -18.93 15.15
C SER A 442 -22.01 -19.76 15.16
N SER A 444 -18.75 -21.47 14.06
CA SER A 444 -17.68 -21.03 13.17
C SER A 444 -16.55 -22.05 13.25
N GLU A 445 -15.83 -22.16 12.15
CA GLU A 445 -14.61 -22.93 12.05
C GLU A 445 -13.58 -22.32 12.93
N GLN A 446 -13.59 -21.00 12.98
CA GLN A 446 -12.61 -20.25 13.73
C GLN A 446 -12.69 -20.57 15.21
N LEU A 447 -13.90 -20.67 15.73
CA LEU A 447 -14.14 -21.08 17.09
C LEU A 447 -13.74 -22.51 17.38
N ASP A 448 -13.95 -23.38 16.41
CA ASP A 448 -13.67 -24.79 16.62
C ASP A 448 -12.18 -24.93 16.88
N ASN A 449 -11.40 -23.99 16.39
CA ASN A 449 -9.95 -23.99 16.63
C ASN A 449 -9.52 -23.86 18.06
N LEU A 450 -10.11 -22.93 18.80
CA LEU A 450 -9.66 -22.66 20.15
C LEU A 450 -10.23 -23.58 21.22
N LEU A 451 -9.56 -23.66 22.35
CA LEU A 451 -9.91 -24.62 23.38
C LEU A 451 -9.72 -24.05 24.77
N PRO A 452 -10.44 -24.69 25.80
CA PRO A 452 -10.19 -24.13 27.12
C PRO A 452 -9.21 -24.96 27.97
N ARG A 453 -8.12 -24.34 28.41
CA ARG A 453 -7.16 -24.98 29.29
C ARG A 453 -7.62 -25.25 30.71
N ASP A 454 -8.29 -24.31 31.34
CA ASP A 454 -8.70 -24.48 32.75
C ASP A 454 -10.13 -23.98 32.98
N PRO A 455 -11.04 -24.87 33.34
CA PRO A 455 -12.43 -24.49 33.57
C PRO A 455 -12.60 -23.53 34.73
N ASN A 456 -11.86 -23.76 35.79
CA ASN A 456 -11.89 -22.93 36.98
C ASN A 456 -11.38 -21.52 36.77
N GLU A 457 -10.35 -21.34 35.97
CA GLU A 457 -9.98 -20.02 35.55
C GLU A 457 -10.42 -19.92 34.12
N PRO A 458 -11.56 -19.14 33.89
CA PRO A 458 -11.92 -19.04 32.47
C PRO A 458 -11.05 -17.99 31.83
N ILE A 459 -11.10 -17.86 30.53
CA ILE A 459 -10.26 -16.91 29.84
C ILE A 459 -8.90 -17.49 29.57
N ALA A 460 -8.75 -18.76 29.87
CA ALA A 460 -7.56 -19.46 29.48
C ALA A 460 -7.97 -20.36 28.36
N LEU A 461 -7.30 -20.23 27.23
CA LEU A 461 -7.63 -21.06 26.10
C LEU A 461 -6.41 -21.62 25.47
N TYR A 462 -6.55 -22.80 24.88
CA TYR A 462 -5.51 -23.35 24.05
C TYR A 462 -5.87 -22.97 22.65
N PHE A 463 -5.06 -22.11 22.02
CA PHE A 463 -5.26 -21.75 20.63
C PHE A 463 -4.55 -22.79 19.78
N ARG A 464 -5.27 -23.46 18.88
CA ARG A 464 -4.66 -24.61 18.22
C ARG A 464 -4.50 -24.49 16.71
N ASP A 465 -3.31 -24.85 16.29
CA ASP A 465 -2.90 -24.89 14.91
C ASP A 465 -2.56 -26.32 14.58
N TYR A 466 -3.04 -26.82 13.46
CA TYR A 466 -2.64 -28.15 13.04
C TYR A 466 -1.75 -27.98 11.83
N GLY A 467 -0.53 -28.50 11.90
CA GLY A 467 0.39 -28.38 10.80
C GLY A 467 0.55 -26.94 10.35
N ALA A 468 0.85 -26.00 11.23
CA ALA A 468 1.80 -26.11 12.31
C ALA A 468 1.47 -27.14 13.36
N GLU A 469 2.53 -27.79 13.86
CA GLU A 469 2.40 -28.87 14.81
C GLU A 469 2.42 -28.34 16.23
N GLN A 470 2.48 -27.02 16.35
CA GLN A 470 2.40 -26.37 17.65
C GLN A 470 0.97 -26.34 18.18
N HIS A 471 0.84 -26.37 19.50
CA HIS A 471 -0.41 -26.06 20.17
C HIS A 471 -0.07 -24.91 21.07
N PHE A 472 -0.81 -23.81 20.98
CA PHE A 472 -0.40 -22.60 21.70
C PHE A 472 -1.28 -22.39 22.89
N THR A 473 -0.82 -21.56 23.82
CA THR A 473 -1.58 -21.25 25.01
C THR A 473 -1.94 -19.79 24.95
N GLY A 474 -2.96 -19.41 25.69
CA GLY A 474 -3.38 -18.02 25.70
C GLY A 474 -4.67 -17.73 26.43
N GLU A 475 -5.13 -16.49 26.27
CA GLU A 475 -6.29 -15.97 26.99
C GLU A 475 -7.17 -15.07 26.14
N PHE A 476 -8.46 -15.04 26.49
CA PHE A 476 -9.36 -14.02 25.96
C PHE A 476 -9.02 -12.63 26.43
N GLY A 477 -8.81 -11.72 25.50
CA GLY A 477 -8.81 -10.31 25.82
C GLY A 477 -10.25 -9.86 25.76
N GLY A 478 -10.47 -8.54 25.65
CA GLY A 478 -11.81 -7.95 25.70
C GLY A 478 -12.50 -7.93 24.34
N ALA A 479 -13.82 -7.74 24.34
CA ALA A 479 -14.60 -7.73 23.10
C ALA A 479 -15.17 -6.35 22.76
N LYS A 480 -15.65 -6.22 21.52
CA LYS A 480 -16.48 -5.09 21.14
C LYS A 480 -17.64 -5.58 20.34
N ILE A 481 -18.80 -5.01 20.59
CA ILE A 481 -19.96 -5.42 19.87
C ILE A 481 -20.18 -4.42 18.79
N GLN A 482 -20.34 -4.94 17.58
CA GLN A 482 -20.43 -4.12 16.40
C GLN A 482 -21.20 -4.83 15.30
N CYS A 483 -21.71 -4.03 14.37
CA CYS A 483 -22.50 -4.50 13.23
C CYS A 483 -21.89 -3.96 11.94
N ARG A 484 -22.51 -4.28 10.80
CA ARG A 484 -22.04 -3.74 9.51
C ARG A 484 -22.22 -2.24 9.53
N ARG A 485 -21.33 -1.50 8.89
CA ARG A 485 -21.55 -0.07 8.81
C ARG A 485 -22.65 0.23 7.81
N ASP A 486 -22.94 -0.72 6.93
CA ASP A 486 -24.04 -0.56 5.99
C ASP A 486 -25.38 -0.48 6.71
N GLN A 487 -25.58 -1.34 7.70
CA GLN A 487 -26.80 -1.38 8.49
C GLN A 487 -27.04 -0.18 9.41
N LEU A 488 -25.98 0.50 9.80
CA LEU A 488 -26.02 1.42 10.92
C LEU A 488 -27.06 2.50 10.72
N ALA A 489 -27.20 2.98 9.50
CA ALA A 489 -28.26 3.93 9.17
C ALA A 489 -29.63 3.30 9.37
N HIS A 490 -29.72 2.02 9.02
CA HIS A 490 -30.95 1.27 9.06
C HIS A 490 -31.51 1.11 10.46
N HIS A 492 -32.40 2.10 13.34
CA HIS A 492 -33.63 2.67 13.87
C HIS A 492 -34.06 3.94 13.14
N GLY A 496 -36.67 -4.28 13.62
CA GLY A 496 -35.53 -4.16 12.72
C GLY A 496 -34.45 -5.15 13.10
N ALA A 497 -34.40 -6.26 12.39
CA ALA A 497 -33.39 -7.26 12.67
C ALA A 497 -32.16 -6.97 11.82
N ARG A 498 -31.12 -6.49 12.49
CA ARG A 498 -29.85 -6.19 11.87
C ARG A 498 -28.80 -7.06 12.54
N ASP A 499 -27.92 -7.65 11.75
CA ASP A 499 -26.90 -8.56 12.28
C ASP A 499 -25.97 -7.86 13.23
N VAL A 500 -25.61 -8.57 14.31
CA VAL A 500 -24.68 -8.05 15.30
C VAL A 500 -23.58 -9.04 15.51
N TYR A 501 -22.36 -8.56 15.62
CA TYR A 501 -21.25 -9.43 15.90
C TYR A 501 -20.61 -9.04 17.19
N LEU A 502 -19.73 -9.91 17.66
CA LEU A 502 -18.87 -9.61 18.76
C LEU A 502 -17.45 -9.84 18.28
N ASN A 503 -16.66 -8.79 18.41
CA ASN A 503 -15.25 -8.86 18.14
C ASN A 503 -14.54 -9.22 19.43
N VAL A 504 -13.96 -10.42 19.53
CA VAL A 504 -13.19 -10.82 20.71
C VAL A 504 -11.72 -11.01 20.44
N SER A 505 -10.89 -10.20 21.08
CA SER A 505 -9.44 -10.35 21.04
C SER A 505 -9.03 -11.67 21.65
N VAL A 506 -7.86 -12.15 21.26
CA VAL A 506 -7.35 -13.43 21.75
C VAL A 506 -5.85 -13.25 21.87
N ARG A 507 -5.30 -13.53 23.03
CA ARG A 507 -3.87 -13.35 23.22
C ARG A 507 -3.24 -14.70 23.22
N VAL A 508 -2.27 -14.86 22.33
CA VAL A 508 -1.65 -16.15 22.07
C VAL A 508 -0.15 -16.11 22.41
N GLN A 509 0.33 -17.11 23.13
CA GLN A 509 1.71 -17.11 23.53
C GLN A 509 2.53 -17.97 22.62
N SER A 510 3.45 -17.33 21.93
CA SER A 510 4.45 -18.01 21.12
C SER A 510 5.20 -18.97 21.97
N GLN A 511 5.84 -19.97 21.37
CA GLN A 511 6.58 -20.90 22.20
C GLN A 511 7.67 -20.16 22.95
N SER A 512 8.38 -19.28 22.27
CA SER A 512 9.41 -18.45 22.96
C SER A 512 8.87 -17.59 24.08
N GLU A 513 7.68 -17.07 23.92
CA GLU A 513 7.06 -16.30 24.98
C GLU A 513 6.73 -17.19 26.13
N ALA A 514 6.28 -18.40 25.84
CA ALA A 514 6.02 -19.43 26.85
C ALA A 514 7.26 -19.93 27.58
N ARG A 515 8.36 -20.11 26.86
CA ARG A 515 9.59 -20.59 27.45
C ARG A 515 10.09 -19.58 28.46
N GLY A 516 9.53 -18.39 28.42
CA GLY A 516 9.88 -17.33 29.31
C GLY A 516 10.91 -16.45 28.69
N GLU A 517 11.43 -16.84 27.54
CA GLU A 517 12.42 -16.02 26.86
C GLU A 517 11.80 -14.72 26.46
N ARG A 518 12.50 -13.62 26.64
CA ARG A 518 12.00 -12.36 26.17
C ARG A 518 11.95 -12.32 24.66
N ARG A 519 13.06 -12.66 24.01
CA ARG A 519 13.08 -12.75 22.55
C ARG A 519 13.78 -14.04 22.17
N PRO A 520 13.46 -14.62 21.03
CA PRO A 520 13.98 -15.97 20.81
C PRO A 520 15.49 -15.99 20.70
N PRO A 521 16.06 -17.27 20.71
CA PRO A 521 17.52 -17.27 20.76
C PRO A 521 18.28 -16.63 19.60
N TYR A 522 17.67 -16.53 18.44
CA TYR A 522 18.39 -16.15 17.20
C TYR A 522 18.21 -14.71 16.80
N ALA A 523 17.33 -14.00 17.51
CA ALA A 523 17.18 -12.56 17.30
C ALA A 523 18.41 -11.80 17.81
N ALA A 524 19.22 -12.50 18.60
CA ALA A 524 20.51 -11.98 18.99
C ALA A 524 21.40 -11.80 17.77
N VAL A 525 21.29 -12.71 16.80
CA VAL A 525 22.24 -12.80 15.68
C VAL A 525 21.81 -11.98 14.46
N PHE A 526 20.56 -11.52 14.44
CA PHE A 526 20.04 -10.77 13.29
C PHE A 526 19.50 -9.45 13.77
N ARG A 527 20.08 -8.34 13.34
CA ARG A 527 19.49 -7.06 13.60
C ARG A 527 18.36 -6.84 12.63
N LEU A 528 17.42 -5.96 12.97
CA LEU A 528 16.38 -5.56 12.05
C LEU A 528 16.34 -4.08 12.30
N VAL A 529 15.78 -3.31 11.39
CA VAL A 529 15.77 -1.88 11.58
C VAL A 529 14.68 -1.21 10.79
N GLY A 530 14.16 -0.11 11.32
CA GLY A 530 13.43 0.90 10.56
C GLY A 530 11.97 0.65 10.30
N ASP A 531 11.54 -0.56 10.64
CA ASP A 531 10.13 -0.90 10.73
C ASP A 531 9.12 -0.63 9.59
N ASN A 532 9.27 -1.15 8.37
CA ASN A 532 10.44 -1.39 7.52
C ASN A 532 11.66 -2.16 7.95
N HIS A 533 11.50 -3.33 8.57
CA HIS A 533 12.65 -4.01 9.13
C HIS A 533 13.68 -4.24 8.04
N ARG A 534 14.90 -3.80 8.31
CA ARG A 534 16.06 -4.05 7.49
C ARG A 534 16.73 -5.19 8.15
N ALA A 535 17.63 -5.86 7.47
CA ALA A 535 18.32 -6.97 8.09
C ALA A 535 19.80 -6.80 7.97
N PHE A 536 20.49 -7.15 9.04
CA PHE A 536 21.94 -7.26 9.10
C PHE A 536 22.26 -8.43 10.01
N VAL A 537 23.30 -9.16 9.67
CA VAL A 537 23.70 -10.30 10.47
C VAL A 537 24.84 -9.87 11.37
N HIS A 538 24.86 -10.46 12.56
CA HIS A 538 25.99 -10.35 13.49
C HIS A 538 26.93 -11.51 13.23
N PHE A 539 28.11 -11.23 12.70
CA PHE A 539 28.95 -12.26 12.10
C PHE A 539 29.82 -13.07 13.09
N ASP A 540 30.22 -12.46 14.19
CA ASP A 540 31.00 -13.15 15.24
C ASP A 540 30.23 -14.30 15.82
N LYS A 541 28.93 -14.04 15.97
CA LYS A 541 28.08 -14.79 16.84
C LYS A 541 27.56 -16.05 16.19
N LEU A 542 27.82 -16.24 14.90
CA LEU A 542 27.31 -17.41 14.20
C LEU A 542 28.00 -18.66 14.68
N SER A 543 29.28 -18.52 14.98
CA SER A 543 30.08 -19.65 15.40
C SER A 543 29.63 -20.10 16.79
N ASP A 544 29.53 -19.12 17.70
CA ASP A 544 28.95 -19.31 19.04
C ASP A 544 27.61 -20.00 18.95
N TYR A 545 26.72 -19.36 18.18
CA TYR A 545 25.34 -19.76 18.09
C TYR A 545 25.22 -21.21 17.73
N LEU A 546 25.92 -21.58 16.69
CA LEU A 546 25.68 -22.85 16.09
C LEU A 546 25.93 -23.96 17.07
N ALA A 547 27.02 -23.89 17.82
CA ALA A 547 27.31 -24.97 18.75
C ALA A 547 26.23 -25.11 19.80
N GLU A 548 25.76 -23.99 20.34
CA GLU A 548 24.73 -24.05 21.35
C GLU A 548 23.51 -24.66 20.71
N HIS A 549 23.25 -24.28 19.47
CA HIS A 549 22.12 -24.82 18.73
C HIS A 549 22.60 -25.47 17.45
N PRO A 550 23.05 -26.79 17.57
CA PRO A 550 23.58 -27.37 16.33
C PRO A 550 22.50 -28.13 15.58
N ASP A 551 22.90 -28.78 14.49
CA ASP A 551 21.97 -29.31 13.53
C ASP A 551 21.13 -30.42 14.11
N ASP A 552 20.00 -30.71 13.48
CA ASP A 552 19.01 -31.68 13.96
C ASP A 552 18.23 -32.29 12.81
N GLY A 553 17.59 -33.43 13.07
CA GLY A 553 16.60 -33.98 12.18
C GLY A 553 15.40 -33.05 12.18
N LYS A 554 15.18 -32.38 13.29
CA LYS A 554 13.88 -31.82 13.57
C LYS A 554 13.46 -30.87 12.49
N LEU A 555 12.27 -31.13 11.97
CA LEU A 555 11.80 -30.55 10.73
C LEU A 555 10.52 -29.75 10.74
N GLY A 556 9.89 -29.60 11.88
CA GLY A 556 8.62 -28.89 11.93
C GLY A 556 8.74 -27.49 12.46
N SER A 557 7.72 -27.12 13.21
CA SER A 557 7.77 -25.99 14.10
C SER A 557 8.80 -26.31 15.17
N GLU A 558 9.05 -27.61 15.38
CA GLU A 558 9.96 -28.11 16.38
C GLU A 558 11.41 -27.68 16.19
N GLY A 559 11.84 -27.64 14.95
CA GLY A 559 13.23 -27.48 14.62
C GLY A 559 13.74 -26.07 14.68
N LEU A 560 12.95 -25.18 15.26
CA LEU A 560 13.31 -23.78 15.30
C LEU A 560 14.60 -23.47 16.05
N LEU A 561 14.79 -24.08 17.20
CA LEU A 561 16.01 -23.84 17.95
C LEU A 561 17.23 -24.37 17.24
N SER A 562 17.09 -25.54 16.65
CA SER A 562 18.17 -26.42 16.24
C SER A 562 19.18 -25.94 15.20
N GLY A 563 18.74 -25.28 14.15
CA GLY A 563 19.65 -24.93 13.07
C GLY A 563 19.46 -23.50 12.66
N LEU A 564 20.43 -22.92 11.95
CA LEU A 564 20.25 -21.56 11.52
C LEU A 564 19.91 -21.58 10.05
N ARG A 565 18.79 -20.96 9.67
CA ARG A 565 18.39 -20.92 8.29
C ARG A 565 17.75 -19.59 7.90
N VAL A 566 18.00 -19.14 6.69
CA VAL A 566 17.35 -17.96 6.16
C VAL A 566 16.63 -18.32 4.87
N SER A 568 14.85 -16.48 1.57
CA SER A 568 14.68 -15.28 0.80
C SER A 568 13.58 -15.48 -0.23
N VAL A 569 12.66 -14.51 -0.26
CA VAL A 569 11.48 -14.54 -1.11
C VAL A 569 11.43 -13.32 -2.03
N ASP A 570 11.28 -13.57 -3.32
CA ASP A 570 11.06 -12.52 -4.33
C ASP A 570 9.60 -12.59 -4.79
N LEU A 571 9.02 -11.41 -5.02
CA LEU A 571 7.63 -11.27 -5.41
C LEU A 571 7.56 -10.92 -6.87
N GLY A 572 6.68 -11.58 -7.62
CA GLY A 572 6.55 -11.37 -9.05
C GLY A 572 5.15 -11.68 -9.52
N LEU A 573 4.73 -11.16 -10.67
CA LEU A 573 3.37 -11.41 -11.16
C LEU A 573 3.00 -12.82 -11.61
N ARG A 574 3.85 -13.45 -12.39
CA ARG A 574 3.56 -14.78 -12.89
C ARG A 574 3.58 -15.85 -11.82
N THR A 575 4.60 -15.79 -10.97
CA THR A 575 4.77 -16.71 -9.88
C THR A 575 4.81 -15.86 -8.64
N SER A 576 3.91 -16.11 -7.70
CA SER A 576 3.75 -15.20 -6.60
C SER A 576 4.97 -15.03 -5.72
N ALA A 577 5.65 -16.12 -5.40
CA ALA A 577 6.87 -16.04 -4.63
C ALA A 577 7.89 -17.01 -5.18
N SER A 578 9.15 -16.62 -5.21
CA SER A 578 10.23 -17.52 -5.50
C SER A 578 11.09 -17.49 -4.30
N ILE A 579 11.30 -18.64 -3.68
CA ILE A 579 11.91 -18.71 -2.37
C ILE A 579 13.25 -19.44 -2.44
N SER A 580 14.20 -19.01 -1.63
CA SER A 580 15.51 -19.60 -1.57
C SER A 580 15.83 -19.92 -0.14
N VAL A 581 16.31 -21.12 0.14
CA VAL A 581 16.66 -21.51 1.51
C VAL A 581 18.14 -21.81 1.61
N PHE A 582 18.82 -21.20 2.57
CA PHE A 582 20.24 -21.44 2.81
C PHE A 582 20.49 -21.75 4.27
N ARG A 583 21.28 -22.77 4.53
CA ARG A 583 21.63 -23.22 5.87
C ARG A 583 23.04 -22.78 6.07
N VAL A 584 23.41 -22.56 7.32
CA VAL A 584 24.74 -22.14 7.66
C VAL A 584 25.43 -23.30 8.33
N ALA A 585 26.58 -23.67 7.78
CA ALA A 585 27.32 -24.80 8.27
C ALA A 585 28.79 -24.47 8.13
N ARG A 586 29.65 -25.14 8.89
CA ARG A 586 31.08 -24.91 8.79
C ARG A 586 31.63 -25.50 7.51
N LYS A 587 32.48 -24.73 6.86
CA LYS A 587 33.21 -25.20 5.70
C LYS A 587 34.24 -26.16 6.21
N ASP A 588 34.72 -27.06 5.37
CA ASP A 588 35.80 -27.94 5.78
C ASP A 588 35.37 -28.68 7.03
N GLU A 589 34.13 -29.10 7.05
CA GLU A 589 33.63 -30.02 8.04
C GLU A 589 33.00 -31.15 7.24
N LEU A 590 31.71 -31.36 7.41
CA LEU A 590 30.93 -32.23 6.55
C LEU A 590 30.50 -31.45 5.31
N LYS A 591 30.96 -30.21 5.21
CA LYS A 591 30.47 -29.27 4.24
C LYS A 591 30.69 -29.90 2.90
N PRO A 592 31.82 -30.57 2.73
CA PRO A 592 32.03 -31.32 1.47
C PRO A 592 31.02 -32.44 1.31
N ASN A 593 30.64 -33.08 2.41
CA ASN A 593 29.76 -34.22 2.28
C ASN A 593 28.49 -33.74 1.59
N SER A 594 28.21 -34.38 0.49
CA SER A 594 27.04 -34.09 -0.29
C SER A 594 26.65 -35.43 -0.86
N LYS A 595 25.37 -35.71 -0.98
CA LYS A 595 24.96 -36.85 -1.78
C LYS A 595 25.32 -36.44 -3.18
N GLY A 596 25.98 -37.31 -3.94
CA GLY A 596 26.32 -36.95 -5.29
C GLY A 596 27.14 -35.69 -5.25
N ARG A 597 26.68 -34.68 -5.96
CA ARG A 597 27.44 -33.46 -6.18
C ARG A 597 27.58 -32.54 -4.96
N VAL A 598 28.62 -31.73 -4.99
CA VAL A 598 28.87 -30.75 -3.96
C VAL A 598 27.85 -29.64 -4.00
N PRO A 599 27.42 -29.16 -2.75
CA PRO A 599 26.44 -28.07 -2.84
C PRO A 599 27.05 -26.71 -3.17
N PHE A 600 26.16 -25.78 -3.46
CA PHE A 600 26.46 -24.42 -3.85
C PHE A 600 26.43 -23.60 -2.59
N PHE A 601 27.35 -22.65 -2.45
CA PHE A 601 27.34 -21.80 -1.27
C PHE A 601 27.86 -20.39 -1.44
N PHE A 602 27.63 -19.59 -0.41
CA PHE A 602 28.11 -18.22 -0.33
C PHE A 602 29.01 -18.02 0.86
N PRO A 603 30.20 -17.46 0.63
CA PRO A 603 31.05 -17.04 1.75
C PRO A 603 30.35 -16.04 2.70
N ILE A 604 30.61 -16.18 3.98
CA ILE A 604 30.09 -15.25 4.95
C ILE A 604 31.22 -14.38 5.44
N LYS A 605 30.91 -13.12 5.67
CA LYS A 605 31.91 -12.11 6.01
C LYS A 605 32.65 -12.39 7.30
N GLY A 606 31.93 -12.86 8.30
CA GLY A 606 32.54 -13.18 9.58
C GLY A 606 33.52 -14.32 9.68
N ASN A 607 33.21 -15.45 9.04
CA ASN A 607 34.01 -16.65 9.25
C ASN A 607 34.56 -17.31 8.01
N ASP A 608 35.82 -17.70 8.09
CA ASP A 608 36.46 -18.49 7.05
C ASP A 608 36.17 -19.98 7.00
N ASN A 609 35.52 -20.48 8.05
CA ASN A 609 34.99 -21.84 8.06
C ASN A 609 33.48 -21.91 8.19
N LEU A 610 32.85 -20.75 8.07
CA LEU A 610 31.40 -20.66 8.03
C LEU A 610 31.01 -20.14 6.67
N VAL A 611 30.07 -20.80 6.04
CA VAL A 611 29.65 -20.48 4.70
C VAL A 611 28.19 -20.83 4.63
N ALA A 612 27.43 -20.22 3.72
CA ALA A 612 26.01 -20.55 3.63
C ALA A 612 25.69 -21.54 2.53
N VAL A 613 25.37 -22.76 2.95
CA VAL A 613 24.97 -23.86 2.08
C VAL A 613 23.54 -23.69 1.65
N HIS A 614 23.29 -23.79 0.35
CA HIS A 614 21.97 -23.69 -0.21
C HIS A 614 21.25 -25.03 -0.10
N GLU A 615 20.11 -25.07 0.57
CA GLU A 615 19.35 -26.32 0.67
C GLU A 615 18.44 -26.54 -0.54
N ARG A 616 17.57 -25.59 -0.81
CA ARG A 616 16.57 -25.74 -1.88
C ARG A 616 16.16 -24.36 -2.41
N SER A 617 15.67 -24.33 -3.65
CA SER A 617 15.07 -23.12 -4.22
C SER A 617 13.80 -23.54 -4.92
N GLN A 618 12.72 -22.79 -4.72
CA GLN A 618 11.39 -23.21 -5.18
C GLN A 618 10.55 -22.06 -5.68
N LEU A 619 9.47 -22.41 -6.37
CA LEU A 619 8.54 -21.44 -6.90
C LEU A 619 7.15 -21.67 -6.32
N LEU A 620 6.70 -20.70 -5.54
CA LEU A 620 5.45 -20.81 -4.83
C LEU A 620 4.38 -20.11 -5.62
N LYS A 621 3.36 -20.85 -6.01
CA LYS A 621 2.31 -20.29 -6.81
C LYS A 621 0.98 -20.41 -6.12
N LEU A 622 0.20 -19.34 -6.19
CA LEU A 622 -1.16 -19.27 -5.66
C LEU A 622 -1.92 -20.09 -6.66
N PRO A 623 -3.20 -20.38 -6.48
CA PRO A 623 -3.74 -21.33 -7.47
C PRO A 623 -3.77 -20.86 -8.93
N GLY A 624 -4.02 -19.58 -9.18
CA GLY A 624 -4.25 -19.08 -10.53
C GLY A 624 -3.10 -19.11 -11.51
N GLU A 625 -1.89 -19.34 -11.02
CA GLU A 625 -0.64 -19.24 -11.79
C GLU A 625 -0.36 -20.16 -12.98
N THR A 626 -0.86 -21.39 -12.97
CA THR A 626 -0.50 -22.38 -14.00
C THR A 626 -0.90 -21.99 -15.41
N GLU A 627 -0.11 -22.45 -16.37
CA GLU A 627 -0.24 -22.11 -17.79
C GLU A 627 -0.61 -23.33 -18.64
N SER A 628 -1.50 -23.16 -19.62
CA SER A 628 -1.92 -24.30 -20.44
C SER A 628 -2.62 -23.84 -21.72
N LYS A 629 -2.82 -24.77 -22.65
CA LYS A 629 -3.49 -24.45 -23.92
C LYS A 629 -4.99 -24.34 -23.65
N ASP A 630 -5.55 -25.39 -23.06
CA ASP A 630 -6.94 -25.42 -22.62
C ASP A 630 -7.23 -24.20 -21.76
N LEU A 631 -6.27 -23.84 -20.94
CA LEU A 631 -6.43 -22.77 -19.96
C LEU A 631 -6.36 -21.41 -20.61
N ARG A 632 -5.39 -21.20 -21.48
CA ARG A 632 -5.19 -19.92 -22.11
C ARG A 632 -6.43 -19.58 -22.91
N ALA A 633 -7.02 -20.59 -23.52
CA ALA A 633 -8.25 -20.38 -24.32
C ALA A 633 -9.37 -19.74 -23.49
N ILE A 634 -9.58 -20.28 -22.30
CA ILE A 634 -10.68 -19.86 -21.50
C ILE A 634 -10.44 -18.45 -21.03
N ARG A 635 -9.16 -18.12 -20.82
CA ARG A 635 -8.79 -16.81 -20.33
C ARG A 635 -9.05 -15.72 -21.34
N GLU A 636 -8.68 -15.98 -22.59
CA GLU A 636 -8.97 -15.03 -23.63
C GLU A 636 -10.48 -14.89 -23.94
N GLU A 637 -11.28 -15.94 -23.79
CA GLU A 637 -12.72 -15.77 -24.00
C GLU A 637 -13.32 -14.81 -22.98
N ARG A 638 -12.92 -14.96 -21.72
CA ARG A 638 -13.49 -14.15 -20.62
C ARG A 638 -13.54 -12.69 -20.96
N GLN A 639 -12.49 -12.21 -21.60
CA GLN A 639 -12.27 -10.80 -21.76
C GLN A 639 -12.65 -10.33 -23.14
N ARG A 640 -13.05 -11.25 -24.02
CA ARG A 640 -13.22 -10.91 -25.41
C ARG A 640 -14.18 -9.74 -25.54
N THR A 641 -15.31 -9.83 -24.86
CA THR A 641 -16.29 -8.79 -24.96
C THR A 641 -15.72 -7.48 -24.42
N LEU A 642 -15.01 -7.56 -23.30
CA LEU A 642 -14.50 -6.35 -22.66
C LEU A 642 -13.41 -5.68 -23.48
N ARG A 643 -12.60 -6.46 -24.16
CA ARG A 643 -11.58 -5.91 -25.02
C ARG A 643 -12.23 -5.13 -26.15
N GLN A 644 -13.34 -5.66 -26.65
CA GLN A 644 -14.09 -5.07 -27.74
C GLN A 644 -14.76 -3.80 -27.28
N LEU A 645 -15.42 -3.88 -26.14
CA LEU A 645 -16.14 -2.77 -25.60
C LEU A 645 -15.23 -1.60 -25.30
N ARG A 646 -14.00 -1.87 -24.89
CA ARG A 646 -13.08 -0.78 -24.63
C ARG A 646 -12.55 -0.23 -25.93
N THR A 647 -12.39 -1.08 -26.93
CA THR A 647 -11.93 -0.63 -28.25
C THR A 647 -13.02 0.17 -28.99
N GLN A 648 -14.27 -0.20 -28.76
CA GLN A 648 -15.40 0.51 -29.33
C GLN A 648 -15.53 1.91 -28.73
N LEU A 649 -15.46 1.99 -27.42
CA LEU A 649 -15.57 3.25 -26.75
C LEU A 649 -14.50 4.22 -27.20
N ALA A 650 -13.32 3.68 -27.47
CA ALA A 650 -12.18 4.53 -27.84
C ALA A 650 -12.52 5.39 -29.05
N TYR A 651 -13.11 4.74 -30.05
CA TYR A 651 -13.50 5.45 -31.26
C TYR A 651 -14.82 6.19 -31.06
N LEU A 652 -15.75 5.63 -30.30
CA LEU A 652 -16.93 6.39 -29.93
C LEU A 652 -16.50 7.72 -29.33
N ARG A 653 -15.47 7.69 -28.48
CA ARG A 653 -14.97 8.93 -27.87
C ARG A 653 -14.27 9.80 -28.90
N LEU A 654 -13.73 9.14 -29.92
CA LEU A 654 -13.08 9.83 -31.00
C LEU A 654 -14.09 10.65 -31.84
N LEU A 655 -15.20 10.03 -32.22
CA LEU A 655 -16.24 10.71 -32.98
C LEU A 655 -16.68 11.99 -32.32
N VAL A 656 -16.76 11.92 -31.01
CA VAL A 656 -17.16 13.05 -30.21
C VAL A 656 -16.17 14.15 -30.51
N ARG A 657 -14.91 13.77 -30.68
CA ARG A 657 -13.83 14.73 -30.86
C ARG A 657 -14.13 15.53 -32.09
N CYS A 658 -14.83 14.91 -33.02
CA CYS A 658 -15.20 15.53 -34.29
C CYS A 658 -16.12 16.70 -34.02
N GLY A 659 -16.79 16.64 -32.88
CA GLY A 659 -17.67 17.69 -32.44
C GLY A 659 -16.89 18.97 -32.23
N SER A 660 -15.59 18.86 -31.99
CA SER A 660 -14.83 20.02 -31.56
C SER A 660 -15.36 20.41 -30.16
N GLU A 661 -15.88 21.61 -29.86
CA GLU A 661 -16.01 22.81 -30.66
C GLU A 661 -14.69 23.46 -31.02
N ASP A 662 -13.78 23.51 -30.06
CA ASP A 662 -12.58 24.28 -30.35
C ASP A 662 -11.94 23.66 -31.54
N VAL A 663 -11.46 24.52 -32.39
CA VAL A 663 -10.96 24.13 -33.69
C VAL A 663 -9.53 23.63 -33.63
N GLY A 664 -9.12 23.09 -34.75
CA GLY A 664 -7.99 22.20 -34.88
C GLY A 664 -8.31 20.80 -34.41
N ARG A 665 -9.00 20.72 -33.30
CA ARG A 665 -9.34 19.42 -32.76
C ARG A 665 -10.24 18.72 -33.74
N ARG A 666 -11.17 19.47 -34.31
CA ARG A 666 -12.19 18.90 -35.16
C ARG A 666 -11.61 18.27 -36.41
N GLU A 667 -10.63 18.95 -36.99
CA GLU A 667 -9.94 18.45 -38.16
C GLU A 667 -9.01 17.27 -37.93
N ARG A 668 -8.20 17.35 -36.88
CA ARG A 668 -7.25 16.28 -36.65
C ARG A 668 -8.00 15.01 -36.35
N SER A 669 -9.02 15.13 -35.51
CA SER A 669 -9.81 14.00 -35.10
C SER A 669 -10.56 13.43 -36.28
N TRP A 670 -11.11 14.31 -37.09
CA TRP A 670 -11.88 13.91 -38.25
C TRP A 670 -11.05 13.16 -39.25
N ALA A 671 -9.85 13.65 -39.49
CA ALA A 671 -9.02 13.09 -40.53
C ALA A 671 -8.64 11.66 -40.22
N LYS A 672 -8.21 11.44 -38.98
CA LYS A 672 -7.69 10.15 -38.60
C LYS A 672 -8.75 9.09 -38.68
N LEU A 673 -9.95 9.43 -38.22
CA LEU A 673 -11.00 8.45 -38.12
C LEU A 673 -11.49 7.89 -39.45
N ILE A 674 -11.74 8.75 -40.42
CA ILE A 674 -12.40 8.31 -41.64
C ILE A 674 -11.63 7.40 -42.59
N GLU A 675 -10.39 7.76 -42.87
CA GLU A 675 -9.67 7.12 -43.95
C GLU A 675 -8.31 6.53 -43.57
N GLN A 676 -7.83 6.84 -42.38
CA GLN A 676 -6.52 6.35 -42.00
C GLN A 676 -6.48 5.58 -40.67
N PRO A 677 -5.93 4.28 -40.63
CA PRO A 677 -5.99 3.56 -41.92
C PRO A 677 -7.46 3.31 -42.25
N VAL A 678 -8.20 3.02 -41.20
CA VAL A 678 -9.59 2.62 -41.27
C VAL A 678 -10.08 2.37 -39.86
N ASP A 679 -11.38 2.23 -39.67
CA ASP A 679 -11.89 1.75 -38.40
C ASP A 679 -11.34 0.34 -38.27
N ALA A 680 -11.00 -0.07 -37.06
CA ALA A 680 -10.31 -1.34 -36.85
C ALA A 680 -11.23 -2.55 -36.78
N ALA A 681 -11.16 -3.34 -37.84
CA ALA A 681 -11.87 -4.61 -37.94
C ALA A 681 -11.38 -5.65 -36.94
N ASN A 682 -10.10 -5.57 -36.59
CA ASN A 682 -9.39 -6.66 -35.95
C ASN A 682 -10.05 -7.08 -34.67
N HIS A 683 -10.39 -6.10 -33.86
CA HIS A 683 -10.93 -6.39 -32.53
C HIS A 683 -12.36 -5.93 -32.21
N THR A 685 -16.48 -5.52 -32.22
CA THR A 685 -17.63 -6.40 -32.25
C THR A 685 -18.39 -6.10 -33.52
N PRO A 686 -18.75 -7.19 -34.31
CA PRO A 686 -19.13 -6.79 -35.67
C PRO A 686 -20.32 -5.84 -35.84
N ASP A 687 -21.43 -5.97 -35.13
CA ASP A 687 -22.58 -5.15 -35.48
C ASP A 687 -22.19 -3.69 -35.33
N TRP A 688 -21.41 -3.39 -34.31
CA TRP A 688 -20.96 -2.03 -34.14
C TRP A 688 -20.13 -1.68 -35.34
N ARG A 689 -19.37 -2.63 -35.84
CA ARG A 689 -18.45 -2.33 -36.90
C ARG A 689 -19.26 -1.77 -38.06
N GLU A 690 -20.40 -2.41 -38.35
CA GLU A 690 -21.24 -1.91 -39.42
C GLU A 690 -21.79 -0.55 -39.11
N ALA A 691 -22.30 -0.39 -37.90
CA ALA A 691 -23.03 0.82 -37.55
C ALA A 691 -22.12 2.01 -37.61
N PHE A 692 -20.90 1.80 -37.17
CA PHE A 692 -19.86 2.83 -37.24
C PHE A 692 -19.57 3.15 -38.70
N GLU A 693 -19.42 2.13 -39.53
CA GLU A 693 -19.18 2.35 -40.95
C GLU A 693 -20.32 3.15 -41.58
N ASN A 694 -21.55 2.92 -41.10
CA ASN A 694 -22.71 3.68 -41.58
C ASN A 694 -22.57 5.15 -41.25
N GLU A 695 -22.63 5.48 -39.97
CA GLU A 695 -22.46 6.84 -39.53
C GLU A 695 -21.14 7.41 -40.10
N LEU A 696 -20.19 6.52 -40.34
CA LEU A 696 -18.90 6.92 -40.90
C LEU A 696 -19.04 7.44 -42.31
N GLN A 697 -19.74 6.70 -43.17
CA GLN A 697 -20.07 7.17 -44.52
C GLN A 697 -20.89 8.46 -44.46
N LYS A 698 -21.79 8.55 -43.48
CA LYS A 698 -22.73 9.65 -43.42
C LYS A 698 -21.97 10.90 -43.15
N LEU A 699 -20.99 10.83 -42.27
CA LEU A 699 -20.27 12.03 -41.95
C LEU A 699 -19.58 12.53 -43.19
N LYS A 700 -19.01 11.63 -43.97
CA LYS A 700 -18.22 12.01 -45.13
C LYS A 700 -19.04 12.74 -46.19
N SER A 701 -20.25 12.28 -46.41
CA SER A 701 -21.04 12.82 -47.48
C SER A 701 -21.24 14.27 -47.20
N LEU A 702 -21.54 14.59 -45.96
CA LEU A 702 -21.98 15.93 -45.62
C LEU A 702 -20.82 16.81 -45.23
N HIS A 703 -19.61 16.31 -45.41
CA HIS A 703 -18.46 17.05 -44.93
C HIS A 703 -18.18 18.40 -45.58
N GLY A 704 -18.12 18.47 -46.91
CA GLY A 704 -17.98 19.75 -47.58
C GLY A 704 -19.25 20.56 -47.50
N ILE A 705 -20.33 19.84 -47.73
CA ILE A 705 -21.63 20.38 -48.00
C ILE A 705 -22.26 21.15 -46.85
N CYS A 706 -22.14 20.63 -45.64
CA CYS A 706 -22.89 21.21 -44.52
C CYS A 706 -22.19 22.39 -43.87
N SER A 707 -23.00 23.23 -43.24
CA SER A 707 -22.53 24.37 -42.44
C SER A 707 -21.97 23.86 -41.12
N ASP A 708 -21.30 24.74 -40.39
CA ASP A 708 -20.64 24.35 -39.14
C ASP A 708 -21.62 23.80 -38.12
N LYS A 709 -22.82 24.37 -38.00
CA LYS A 709 -23.84 23.83 -37.09
C LYS A 709 -24.34 22.50 -37.60
N GLU A 710 -24.83 22.53 -38.83
CA GLU A 710 -25.32 21.33 -39.45
C GLU A 710 -24.34 20.20 -39.20
N TRP A 711 -23.04 20.51 -39.29
CA TRP A 711 -21.98 19.53 -39.00
C TRP A 711 -21.86 19.14 -37.53
N ASP A 713 -23.94 19.60 -34.99
CA ASP A 713 -25.17 19.00 -34.50
C ASP A 713 -25.50 17.69 -35.21
N ALA A 714 -24.88 17.45 -36.37
CA ALA A 714 -24.98 16.15 -37.08
C ALA A 714 -24.27 15.04 -36.32
N VAL A 715 -23.11 15.37 -35.77
CA VAL A 715 -22.34 14.44 -34.94
C VAL A 715 -23.14 14.08 -33.68
N TYR A 716 -23.52 15.09 -32.92
CA TYR A 716 -24.20 14.86 -31.68
C TYR A 716 -25.23 13.78 -31.88
N GLU A 717 -26.03 13.95 -32.94
CA GLU A 717 -27.14 13.03 -33.22
C GLU A 717 -26.62 11.72 -33.72
N SER A 718 -25.53 11.79 -34.48
CA SER A 718 -24.87 10.60 -35.01
C SER A 718 -24.26 9.75 -33.89
N VAL A 719 -23.65 10.42 -32.92
CA VAL A 719 -23.04 9.75 -31.78
C VAL A 719 -24.10 9.03 -30.96
N ARG A 720 -25.21 9.70 -30.70
CA ARG A 720 -26.35 9.08 -30.02
C ARG A 720 -26.72 7.72 -30.61
N ARG A 721 -26.60 7.61 -31.92
CA ARG A 721 -27.05 6.42 -32.62
C ARG A 721 -26.19 5.25 -32.20
N VAL A 722 -24.88 5.44 -32.14
CA VAL A 722 -23.96 4.35 -31.71
C VAL A 722 -23.89 4.11 -30.20
N TRP A 723 -24.03 5.18 -29.43
CA TRP A 723 -24.06 5.10 -27.99
C TRP A 723 -25.17 4.18 -27.54
N ARG A 724 -26.34 4.36 -28.12
CA ARG A 724 -27.51 3.58 -27.74
C ARG A 724 -27.32 2.11 -28.05
N HIS A 725 -26.68 1.82 -29.17
CA HIS A 725 -26.47 0.45 -29.56
C HIS A 725 -25.57 -0.25 -28.57
N GLY A 727 -25.25 0.40 -25.51
CA GLY A 727 -25.87 0.24 -24.21
C GLY A 727 -26.45 -1.13 -24.10
N LYS A 728 -27.00 -1.65 -25.18
CA LYS A 728 -27.45 -3.03 -25.21
C LYS A 728 -26.33 -4.02 -25.06
N GLN A 729 -25.19 -3.76 -25.68
CA GLN A 729 -24.02 -4.62 -25.53
C GLN A 729 -23.51 -4.61 -24.11
N VAL A 730 -23.44 -3.43 -23.52
CA VAL A 730 -23.01 -3.25 -22.14
C VAL A 730 -24.01 -3.91 -21.21
N ARG A 731 -25.27 -3.49 -21.32
CA ARG A 731 -26.34 -4.04 -20.52
C ARG A 731 -26.29 -5.55 -20.62
N ASP A 732 -26.15 -6.05 -21.85
CA ASP A 732 -26.12 -7.48 -22.10
C ASP A 732 -25.05 -8.15 -21.28
N TRP A 733 -23.84 -7.63 -21.45
CA TRP A 733 -22.65 -8.21 -20.87
C TRP A 733 -22.66 -8.17 -19.35
N ARG A 734 -23.06 -7.04 -18.78
CA ARG A 734 -23.14 -6.95 -17.33
C ARG A 734 -24.10 -8.00 -16.79
N LYS A 735 -25.22 -8.21 -17.45
CA LYS A 735 -26.19 -9.23 -17.02
C LYS A 735 -25.56 -10.61 -17.04
N ASP A 736 -24.76 -10.90 -18.07
CA ASP A 736 -24.07 -12.17 -18.10
C ASP A 736 -23.05 -12.29 -16.97
N VAL A 737 -22.13 -11.35 -16.83
CA VAL A 737 -21.16 -11.51 -15.77
C VAL A 737 -21.81 -11.45 -14.41
N ARG A 738 -22.76 -10.55 -14.26
CA ARG A 738 -23.34 -10.35 -12.96
C ARG A 738 -24.03 -11.59 -12.44
N SER A 739 -24.85 -12.24 -13.24
CA SER A 739 -25.41 -13.52 -12.86
C SER A 739 -25.50 -14.41 -14.06
N GLY A 740 -24.71 -15.47 -14.09
CA GLY A 740 -24.74 -16.36 -15.22
C GLY A 740 -24.20 -17.71 -14.85
N GLU A 741 -24.46 -18.68 -15.69
CA GLU A 741 -23.82 -19.96 -15.52
C GLU A 741 -22.38 -19.73 -15.84
N ARG A 742 -21.52 -20.33 -15.04
CA ARG A 742 -20.13 -20.45 -15.35
C ARG A 742 -19.76 -21.70 -14.60
N PRO A 743 -18.62 -22.38 -15.06
CA PRO A 743 -18.26 -23.51 -14.21
C PRO A 743 -17.44 -23.05 -13.03
N LYS A 744 -17.83 -23.49 -11.86
CA LYS A 744 -17.23 -23.10 -10.61
C LYS A 744 -16.63 -24.36 -10.05
N ILE A 745 -15.39 -24.29 -9.57
CA ILE A 745 -14.66 -25.49 -9.14
C ILE A 745 -15.23 -26.13 -7.88
N ARG A 746 -14.96 -27.41 -7.68
CA ARG A 746 -15.30 -28.06 -6.44
C ARG A 746 -14.13 -28.78 -5.82
N GLY A 747 -13.90 -28.55 -4.54
CA GLY A 747 -12.70 -29.00 -3.85
C GLY A 747 -11.40 -28.38 -4.28
N TYR A 748 -10.41 -29.21 -4.55
CA TYR A 748 -9.13 -28.71 -4.97
C TYR A 748 -8.93 -29.07 -6.41
N ALA A 749 -8.67 -28.08 -7.25
CA ALA A 749 -8.38 -28.36 -8.63
C ALA A 749 -7.01 -27.82 -8.89
N LYS A 750 -6.13 -28.63 -9.47
CA LYS A 750 -4.74 -28.19 -9.52
C LYS A 750 -4.59 -26.94 -10.37
N ASP A 751 -5.08 -27.01 -11.59
CA ASP A 751 -5.05 -25.88 -12.47
C ASP A 751 -6.41 -25.24 -12.46
N VAL A 752 -6.45 -23.95 -12.18
CA VAL A 752 -7.68 -23.18 -12.18
C VAL A 752 -7.41 -21.93 -13.00
N VAL A 753 -8.47 -21.33 -13.52
CA VAL A 753 -8.36 -20.04 -14.16
C VAL A 753 -7.96 -18.59 -13.93
N GLY A 754 -8.33 -18.05 -12.79
CA GLY A 754 -7.92 -16.70 -12.42
C GLY A 754 -7.38 -16.75 -11.00
N GLY A 755 -8.20 -16.31 -10.05
CA GLY A 755 -7.73 -15.88 -8.75
C GLY A 755 -7.06 -17.07 -8.19
N ASN A 756 -5.99 -16.87 -7.42
CA ASN A 756 -5.67 -15.65 -6.72
C ASN A 756 -4.59 -14.80 -7.38
N SER A 757 -4.43 -14.97 -8.68
CA SER A 757 -3.42 -14.31 -9.48
C SER A 757 -3.63 -12.84 -9.61
N ILE A 758 -2.60 -12.11 -9.98
CA ILE A 758 -2.75 -10.73 -10.31
C ILE A 758 -3.64 -10.61 -11.51
N GLU A 759 -3.46 -11.49 -12.48
CA GLU A 759 -4.33 -11.43 -13.66
C GLU A 759 -5.79 -11.39 -13.27
N GLN A 760 -6.19 -12.22 -12.34
CA GLN A 760 -7.59 -12.26 -12.00
C GLN A 760 -7.99 -10.98 -11.31
N ILE A 761 -7.22 -10.57 -10.30
CA ILE A 761 -7.50 -9.27 -9.62
C ILE A 761 -7.56 -8.12 -10.63
N GLU A 762 -6.56 -8.08 -11.50
CA GLU A 762 -6.48 -7.08 -12.57
C GLU A 762 -7.79 -7.04 -13.33
N TYR A 763 -8.24 -8.22 -13.75
CA TYR A 763 -9.44 -8.36 -14.56
C TYR A 763 -10.68 -7.77 -13.91
N LEU A 764 -10.81 -7.92 -12.60
CA LEU A 764 -11.94 -7.33 -11.93
C LEU A 764 -11.80 -5.82 -11.84
N GLU A 765 -10.58 -5.33 -11.67
CA GLU A 765 -10.37 -3.89 -11.60
C GLU A 765 -10.78 -3.32 -12.93
N ARG A 766 -10.30 -3.96 -14.00
CA ARG A 766 -10.52 -3.47 -15.35
C ARG A 766 -11.98 -3.30 -15.69
N GLN A 767 -12.81 -4.17 -15.14
CA GLN A 767 -14.23 -4.01 -15.33
C GLN A 767 -14.68 -2.77 -14.65
N TYR A 768 -14.34 -2.62 -13.38
CA TYR A 768 -14.72 -1.44 -12.62
C TYR A 768 -14.28 -0.21 -13.38
N LYS A 769 -13.02 -0.20 -13.78
CA LYS A 769 -12.44 0.98 -14.41
C LYS A 769 -12.90 1.21 -15.83
N PHE A 770 -13.60 0.26 -16.41
CA PHE A 770 -14.30 0.53 -17.64
C PHE A 770 -15.64 1.19 -17.40
N LEU A 771 -16.36 0.68 -16.41
CA LEU A 771 -17.71 1.13 -16.14
C LEU A 771 -17.65 2.55 -15.72
N LYS A 772 -16.61 2.91 -14.98
CA LYS A 772 -16.42 4.30 -14.60
C LYS A 772 -16.33 5.18 -15.85
N SER A 773 -15.67 4.68 -16.90
CA SER A 773 -15.56 5.42 -18.18
C SER A 773 -16.78 5.36 -19.12
N TRP A 774 -17.48 4.22 -19.17
CA TRP A 774 -18.70 4.14 -19.98
C TRP A 774 -19.69 5.18 -19.51
N SER A 775 -19.86 5.26 -18.20
CA SER A 775 -20.74 6.25 -17.61
C SER A 775 -20.25 7.66 -17.78
N PHE A 776 -18.97 7.86 -17.51
CA PHE A 776 -18.37 9.17 -17.53
C PHE A 776 -18.46 9.76 -18.91
N PHE A 777 -18.40 8.91 -19.92
CA PHE A 777 -18.54 9.36 -21.28
C PHE A 777 -19.87 10.07 -21.49
N GLY A 778 -20.94 9.42 -21.03
CA GLY A 778 -22.29 9.91 -21.23
C GLY A 778 -22.45 11.31 -20.69
N LYS A 779 -21.85 11.56 -19.54
CA LYS A 779 -21.97 12.85 -18.85
C LYS A 779 -21.28 13.96 -19.62
N VAL A 780 -20.09 13.66 -20.13
CA VAL A 780 -19.28 14.65 -20.87
C VAL A 780 -19.95 15.01 -22.18
N SER A 781 -20.25 13.99 -22.96
CA SER A 781 -20.83 14.17 -24.26
C SER A 781 -21.83 13.08 -24.37
N GLY A 782 -22.97 13.36 -24.98
CA GLY A 782 -24.02 12.37 -25.05
C GLY A 782 -25.19 12.77 -24.19
N GLN A 783 -26.12 11.85 -24.02
CA GLN A 783 -27.43 12.17 -23.50
C GLN A 783 -27.47 12.72 -22.07
N VAL A 784 -26.74 12.12 -21.17
CA VAL A 784 -26.90 12.46 -19.77
C VAL A 784 -26.37 13.82 -19.38
N ILE A 785 -27.12 14.53 -18.52
CA ILE A 785 -26.55 15.48 -17.57
C ILE A 785 -27.17 15.25 -16.20
N ARG A 786 -26.35 15.02 -15.18
CA ARG A 786 -26.88 14.87 -13.84
C ARG A 786 -25.87 15.34 -12.79
N ALA A 787 -26.35 15.83 -11.66
CA ALA A 787 -25.47 16.15 -10.55
C ALA A 787 -24.98 14.85 -9.99
N GLU A 788 -23.76 14.85 -9.46
CA GLU A 788 -23.23 13.61 -8.92
C GLU A 788 -23.45 13.55 -7.42
N LYS A 789 -24.11 12.49 -6.96
CA LYS A 789 -24.36 12.31 -5.55
C LYS A 789 -23.12 11.65 -4.96
N GLY A 790 -23.08 11.55 -3.64
CA GLY A 790 -21.90 11.03 -2.98
C GLY A 790 -21.60 9.62 -3.44
N SER A 791 -22.63 8.84 -3.70
CA SER A 791 -22.44 7.42 -3.89
C SER A 791 -21.47 7.18 -5.03
N ARG A 792 -20.58 6.24 -4.83
CA ARG A 792 -19.61 5.85 -5.84
C ARG A 792 -20.10 4.67 -6.67
N PHE A 793 -19.35 4.35 -7.72
CA PHE A 793 -19.68 3.29 -8.64
C PHE A 793 -19.58 1.91 -8.06
N ALA A 794 -20.40 1.00 -8.56
CA ALA A 794 -20.14 -0.40 -8.44
C ALA A 794 -19.85 -0.80 -7.02
N ILE A 795 -20.74 -0.47 -6.13
CA ILE A 795 -20.53 -0.70 -4.72
C ILE A 795 -20.35 -2.17 -4.51
N THR A 796 -21.11 -2.97 -5.23
CA THR A 796 -20.95 -4.40 -5.16
C THR A 796 -19.60 -4.86 -5.69
N LEU A 797 -19.14 -4.27 -6.78
CA LEU A 797 -17.94 -4.71 -7.42
C LEU A 797 -16.74 -4.26 -6.60
N ARG A 798 -16.79 -3.02 -6.10
CA ARG A 798 -15.72 -2.41 -5.29
C ARG A 798 -15.42 -3.32 -4.14
N GLU A 799 -16.46 -3.65 -3.38
CA GLU A 799 -16.37 -4.65 -2.31
C GLU A 799 -15.76 -5.96 -2.80
N HIS A 800 -16.33 -6.56 -3.83
CA HIS A 800 -15.79 -7.83 -4.30
C HIS A 800 -14.30 -7.73 -4.44
N ILE A 801 -13.85 -6.79 -5.24
CA ILE A 801 -12.43 -6.64 -5.56
C ILE A 801 -11.55 -6.55 -4.33
N ASP A 802 -11.99 -5.75 -3.38
CA ASP A 802 -11.18 -5.48 -2.22
C ASP A 802 -10.97 -6.75 -1.44
N HIS A 803 -12.04 -7.52 -1.28
CA HIS A 803 -12.01 -8.84 -0.66
C HIS A 803 -11.19 -9.85 -1.43
N ALA A 804 -11.26 -9.83 -2.75
CA ALA A 804 -10.34 -10.64 -3.51
C ALA A 804 -8.92 -10.32 -3.06
N LYS A 805 -8.64 -9.01 -3.00
CA LYS A 805 -7.31 -8.48 -2.70
C LYS A 805 -6.87 -8.83 -1.29
N GLU A 806 -7.74 -8.59 -0.33
CA GLU A 806 -7.54 -9.07 1.03
C GLU A 806 -7.16 -10.54 0.99
N ASP A 807 -7.99 -11.33 0.33
CA ASP A 807 -7.84 -12.78 0.35
C ASP A 807 -6.55 -13.20 -0.33
N ARG A 808 -6.08 -12.39 -1.25
CA ARG A 808 -4.91 -12.77 -1.97
C ARG A 808 -3.71 -12.80 -1.07
N LEU A 809 -3.50 -11.71 -0.36
CA LEU A 809 -2.22 -11.47 0.30
C LEU A 809 -2.16 -12.18 1.64
N LYS A 810 -3.34 -12.45 2.19
CA LYS A 810 -3.43 -13.26 3.39
C LYS A 810 -3.00 -14.66 3.05
N LYS A 811 -3.42 -15.15 1.90
CA LYS A 811 -3.02 -16.48 1.46
C LYS A 811 -1.56 -16.50 1.09
N LEU A 812 -1.10 -15.38 0.51
CA LEU A 812 0.30 -15.22 0.13
C LEU A 812 1.20 -15.21 1.34
N ALA A 813 0.76 -14.59 2.41
CA ALA A 813 1.53 -14.72 3.63
C ALA A 813 1.60 -16.20 3.99
N ASP A 814 0.45 -16.77 4.31
CA ASP A 814 0.37 -18.14 4.82
C ASP A 814 1.14 -19.07 3.93
N ARG A 815 1.20 -18.72 2.64
CA ARG A 815 1.94 -19.50 1.67
C ARG A 815 3.39 -19.43 2.01
N ILE A 816 3.91 -18.21 2.05
CA ILE A 816 5.28 -17.99 2.42
C ILE A 816 5.55 -18.46 3.84
N ILE A 817 4.61 -18.21 4.74
CA ILE A 817 4.82 -18.55 6.13
C ILE A 817 4.88 -20.05 6.39
N GLU A 819 6.06 -22.20 4.25
CA GLU A 819 7.29 -22.68 3.68
C GLU A 819 8.46 -22.51 4.64
N ALA A 820 8.49 -21.42 5.35
CA ALA A 820 9.60 -21.19 6.24
C ALA A 820 9.61 -22.30 7.23
N LEU A 821 8.46 -22.63 7.76
CA LEU A 821 8.35 -23.69 8.72
C LEU A 821 8.58 -25.02 8.02
N GLY A 822 8.68 -25.00 6.71
CA GLY A 822 8.87 -26.22 5.97
C GLY A 822 7.78 -27.22 6.18
N TYR A 823 6.56 -26.82 5.91
CA TYR A 823 5.48 -27.76 5.71
C TYR A 823 5.04 -27.69 4.27
N VAL A 824 4.82 -28.85 3.67
CA VAL A 824 4.36 -28.88 2.29
C VAL A 824 2.96 -29.43 2.31
N TYR A 825 2.15 -29.03 1.35
CA TYR A 825 0.74 -29.36 1.36
C TYR A 825 0.55 -30.43 0.31
N ALA A 826 0.26 -31.65 0.74
CA ALA A 826 0.21 -32.75 -0.20
C ALA A 826 -1.20 -33.25 -0.38
N LEU A 827 -1.64 -33.27 -1.62
CA LEU A 827 -3.04 -33.47 -1.96
C LEU A 827 -3.63 -34.83 -1.62
N ASP A 828 -2.87 -35.89 -1.84
CA ASP A 828 -3.42 -37.21 -1.67
C ASP A 828 -3.83 -37.37 -0.21
N GLU A 829 -4.98 -37.98 0.04
CA GLU A 829 -5.93 -38.44 -0.97
C GLU A 829 -6.62 -37.36 -1.82
N ARG A 830 -6.98 -36.25 -1.20
CA ARG A 830 -7.69 -35.15 -1.87
C ARG A 830 -9.02 -35.52 -2.54
N GLY A 831 -9.84 -36.37 -1.92
CA GLY A 831 -9.54 -36.97 -0.64
C GLY A 831 -9.33 -35.86 0.36
N LYS A 832 -8.22 -35.98 1.08
CA LYS A 832 -7.76 -34.92 1.93
C LYS A 832 -6.37 -34.59 1.50
N GLY A 833 -6.07 -33.31 1.44
CA GLY A 833 -4.72 -32.83 1.29
C GLY A 833 -4.51 -32.15 2.62
N LYS A 834 -3.39 -32.41 3.25
CA LYS A 834 -3.15 -31.82 4.55
C LYS A 834 -1.71 -31.39 4.58
N TRP A 835 -1.38 -30.45 5.44
CA TRP A 835 -0.01 -30.01 5.53
C TRP A 835 0.75 -31.12 6.22
N VAL A 836 1.81 -31.58 5.58
CA VAL A 836 2.71 -32.50 6.23
C VAL A 836 4.05 -31.81 6.33
N ALA A 837 4.68 -31.87 7.48
CA ALA A 837 5.96 -31.21 7.65
C ALA A 837 6.97 -31.86 6.74
N LYS A 838 7.85 -31.07 6.15
CA LYS A 838 8.94 -31.64 5.38
C LYS A 838 10.32 -31.26 5.87
N TYR A 839 10.61 -29.97 5.87
CA TYR A 839 11.98 -29.54 6.06
C TYR A 839 12.17 -28.75 7.31
N PRO A 840 13.48 -28.76 7.81
CA PRO A 840 13.65 -27.95 9.02
C PRO A 840 13.37 -26.46 8.88
N PRO A 841 12.78 -25.89 10.01
CA PRO A 841 12.37 -24.48 9.85
C PRO A 841 13.42 -23.39 9.78
N CYS A 842 13.03 -22.28 9.16
CA CYS A 842 13.91 -21.15 8.88
C CYS A 842 13.61 -20.04 9.85
N GLN A 843 14.65 -19.46 10.44
CA GLN A 843 14.49 -18.50 11.51
C GLN A 843 14.01 -17.18 10.94
N LEU A 844 14.65 -16.79 9.85
CA LEU A 844 14.51 -15.44 9.33
C LEU A 844 13.95 -15.51 7.96
N ILE A 845 13.12 -14.52 7.62
CA ILE A 845 12.56 -14.39 6.28
C ILE A 845 13.02 -13.09 5.69
N LEU A 846 13.56 -13.19 4.48
CA LEU A 846 14.04 -12.04 3.76
C LEU A 846 13.11 -11.60 2.64
N LEU A 847 12.43 -10.49 2.87
CA LEU A 847 11.71 -9.76 1.83
C LEU A 847 12.64 -8.91 1.04
N GLU A 848 12.14 -8.28 -0.01
CA GLU A 848 12.93 -7.28 -0.65
C GLU A 848 12.32 -5.92 -0.31
N GLU A 849 13.06 -4.87 -0.60
CA GLU A 849 12.62 -3.52 -0.34
C GLU A 849 11.71 -2.99 -1.45
N LEU A 850 10.97 -1.95 -1.10
CA LEU A 850 10.03 -1.30 -2.03
C LEU A 850 10.47 0.15 -2.39
N SER A 851 9.77 0.72 -3.37
CA SER A 851 10.01 2.08 -3.89
C SER A 851 8.97 3.06 -3.29
N GLU A 852 8.74 4.26 -3.84
CA GLU A 852 9.49 4.88 -4.95
C GLU A 852 10.98 5.00 -4.65
N TYR A 853 11.84 5.15 -5.67
CA TYR A 853 11.46 5.30 -7.08
C TYR A 853 11.83 4.08 -7.93
N GLN A 854 11.34 4.06 -9.18
CA GLN A 854 11.60 2.97 -10.14
C GLN A 854 12.90 3.15 -10.96
N PHE A 855 13.95 2.39 -10.61
CA PHE A 855 15.29 2.55 -11.20
C PHE A 855 15.36 2.12 -12.65
N ASN A 856 16.16 2.85 -13.42
CA ASN A 856 16.41 2.53 -14.81
C ASN A 856 17.16 1.23 -14.88
N ASN A 857 16.65 0.31 -15.68
CA ASN A 857 17.28 -0.98 -15.89
C ASN A 857 17.22 -1.93 -14.71
N ASP A 858 16.35 -1.69 -13.74
CA ASP A 858 16.01 -2.74 -12.78
C ASP A 858 14.52 -3.02 -12.98
N ARG A 859 14.20 -4.23 -13.45
CA ARG A 859 12.82 -4.69 -13.62
C ARG A 859 12.01 -3.86 -14.62
N PRO A 860 11.31 -4.54 -15.55
CA PRO A 860 10.42 -3.81 -16.46
C PRO A 860 9.27 -3.17 -15.68
N PRO A 861 8.62 -2.18 -16.27
CA PRO A 861 7.46 -1.53 -15.67
C PRO A 861 6.35 -2.56 -15.55
N SER A 862 6.41 -3.60 -16.36
CA SER A 862 5.39 -4.62 -16.33
C SER A 862 5.40 -5.18 -14.92
N GLU A 863 6.61 -5.31 -14.40
CA GLU A 863 6.81 -5.67 -13.01
C GLU A 863 6.33 -4.57 -12.06
N ASN A 864 6.35 -3.31 -12.49
CA ASN A 864 5.88 -2.24 -11.61
C ASN A 864 4.57 -1.56 -12.01
N ASN A 865 3.56 -1.73 -11.15
CA ASN A 865 2.27 -1.13 -11.34
C ASN A 865 1.66 -1.04 -9.97
N GLN A 866 0.55 -0.35 -9.82
CA GLN A 866 0.04 -0.08 -8.50
C GLN A 866 -0.19 -1.39 -7.82
N LEU A 867 -0.61 -2.40 -8.57
CA LEU A 867 -0.85 -3.70 -7.98
C LEU A 867 0.39 -4.29 -7.35
N GLN A 869 3.04 -2.75 -6.32
CA GLN A 869 3.40 -1.97 -5.14
C GLN A 869 2.47 -2.29 -4.02
N TRP A 870 1.19 -2.39 -4.33
CA TRP A 870 0.21 -2.69 -3.32
C TRP A 870 0.52 -4.06 -2.77
N SER A 871 0.88 -4.97 -3.65
CA SER A 871 1.06 -6.36 -3.23
C SER A 871 2.23 -6.43 -2.28
N HIS A 872 3.36 -5.88 -2.70
CA HIS A 872 4.51 -5.80 -1.83
C HIS A 872 4.13 -5.31 -0.44
N ARG A 873 3.49 -4.14 -0.39
CA ARG A 873 3.13 -3.55 0.89
C ARG A 873 2.26 -4.50 1.70
N GLY A 874 1.30 -5.13 1.03
CA GLY A 874 0.34 -5.98 1.70
C GLY A 874 0.97 -7.19 2.33
N VAL A 875 1.88 -7.82 1.60
CA VAL A 875 2.52 -9.05 2.05
C VAL A 875 3.44 -8.79 3.23
N PHE A 876 4.23 -7.73 3.17
CA PHE A 876 5.15 -7.42 4.25
C PHE A 876 4.39 -7.30 5.53
N GLN A 877 3.31 -6.54 5.49
CA GLN A 877 2.50 -6.34 6.66
C GLN A 877 1.93 -7.63 7.15
N GLU A 878 1.27 -8.37 6.27
CA GLU A 878 0.67 -9.64 6.68
C GLU A 878 1.73 -10.65 7.12
N LEU A 879 2.90 -10.61 6.50
CA LEU A 879 4.01 -11.39 6.99
C LEU A 879 4.38 -11.04 8.42
N ILE A 880 4.66 -9.80 8.73
CA ILE A 880 5.07 -9.53 10.09
C ILE A 880 3.97 -9.88 11.06
N ASN A 881 2.74 -9.62 10.69
CA ASN A 881 1.60 -10.07 11.47
C ASN A 881 1.38 -11.56 11.60
N GLN A 882 1.42 -12.29 10.50
CA GLN A 882 1.23 -13.75 10.52
C GLN A 882 2.36 -14.49 11.20
N ALA A 883 3.55 -13.97 10.99
CA ALA A 883 4.78 -14.56 11.45
C ALA A 883 4.97 -14.51 12.95
N GLN A 884 4.25 -13.65 13.63
CA GLN A 884 4.46 -13.42 15.06
C GLN A 884 4.23 -14.61 15.95
N VAL A 885 3.19 -15.37 15.68
CA VAL A 885 2.72 -16.38 16.59
C VAL A 885 3.74 -17.43 16.84
N HIS A 886 4.45 -17.80 15.79
CA HIS A 886 5.49 -18.79 15.88
C HIS A 886 6.66 -17.96 15.50
N ASP A 887 7.71 -17.90 16.30
CA ASP A 887 8.57 -16.74 16.23
C ASP A 887 9.51 -16.84 15.07
N LEU A 888 9.12 -16.17 14.00
CA LEU A 888 9.85 -16.09 12.78
C LEU A 888 10.16 -14.64 12.65
N LEU A 889 11.41 -14.31 12.45
CA LEU A 889 11.77 -12.94 12.16
C LEU A 889 11.36 -12.61 10.75
N VAL A 890 10.96 -11.38 10.49
CA VAL A 890 10.72 -10.96 9.12
C VAL A 890 11.59 -9.79 8.79
N GLY A 891 12.41 -9.97 7.77
CA GLY A 891 13.42 -8.98 7.39
C GLY A 891 13.41 -8.67 5.91
N THR A 892 14.03 -7.53 5.55
CA THR A 892 14.06 -7.06 4.18
C THR A 892 15.50 -6.75 3.81
N TYR A 894 18.00 -4.70 0.62
CA TYR A 894 17.83 -3.81 -0.48
C TYR A 894 17.73 -4.69 -1.66
N ALA A 895 16.72 -4.47 -2.49
CA ALA A 895 16.67 -5.15 -3.74
C ALA A 895 16.73 -4.07 -4.76
N ALA A 896 17.85 -3.98 -5.43
CA ALA A 896 17.97 -3.16 -6.59
C ALA A 896 18.88 -3.97 -7.42
N PHE A 897 18.52 -4.21 -8.66
CA PHE A 897 19.38 -4.94 -9.54
C PHE A 897 19.64 -6.32 -8.98
N SER A 898 18.68 -6.85 -8.25
CA SER A 898 18.79 -8.20 -7.77
C SER A 898 18.37 -9.15 -8.86
N SER A 899 17.73 -8.59 -9.87
CA SER A 899 17.41 -9.35 -11.08
C SER A 899 18.41 -9.06 -12.21
N ARG A 900 19.23 -8.04 -12.07
CA ARG A 900 20.18 -7.70 -13.13
C ARG A 900 21.51 -8.41 -13.04
N PHE A 901 21.95 -8.75 -11.85
CA PHE A 901 23.23 -9.40 -11.65
C PHE A 901 23.13 -10.83 -11.21
N ASP A 902 24.16 -11.58 -11.50
CA ASP A 902 24.26 -12.97 -11.14
C ASP A 902 24.70 -13.25 -9.72
N ALA A 903 24.17 -14.31 -9.15
CA ALA A 903 24.77 -14.88 -7.99
C ALA A 903 25.19 -16.29 -8.41
N ARG A 904 26.47 -16.63 -8.35
CA ARG A 904 27.51 -15.68 -8.02
C ARG A 904 28.68 -15.72 -8.97
N THR A 905 28.52 -15.19 -10.17
CA THR A 905 29.66 -14.81 -10.97
C THR A 905 30.38 -13.61 -10.37
N GLY A 906 29.65 -12.56 -10.00
CA GLY A 906 28.31 -12.33 -10.48
C GLY A 906 28.34 -11.09 -11.33
N ALA A 907 27.85 -11.22 -12.55
CA ALA A 907 28.10 -10.24 -13.58
C ALA A 907 26.79 -9.83 -14.20
N PRO A 908 26.77 -8.58 -14.83
CA PRO A 908 25.43 -8.14 -15.22
C PRO A 908 24.87 -8.93 -16.37
N GLY A 909 23.55 -8.94 -16.51
CA GLY A 909 22.90 -9.69 -17.56
C GLY A 909 21.66 -9.06 -18.17
N ILE A 910 20.96 -9.88 -18.94
CA ILE A 910 19.65 -9.56 -19.46
C ILE A 910 18.75 -10.76 -19.32
N ARG A 911 17.47 -10.54 -19.59
CA ARG A 911 16.48 -11.57 -19.49
C ARG A 911 16.01 -12.11 -20.83
N CYS A 912 15.61 -13.37 -20.81
CA CYS A 912 15.28 -14.15 -21.98
C CYS A 912 14.46 -15.33 -21.47
N ARG A 913 14.02 -16.22 -22.35
CA ARG A 913 13.50 -15.97 -23.68
C ARG A 913 12.12 -15.32 -23.76
N ARG A 914 11.17 -15.82 -22.95
CA ARG A 914 9.77 -15.44 -23.11
C ARG A 914 9.05 -14.91 -21.87
N VAL A 915 8.32 -13.82 -22.05
CA VAL A 915 7.53 -13.24 -20.96
C VAL A 915 6.79 -14.31 -20.17
N ALA A 948 6.25 -23.82 -34.29
CA ALA A 948 7.64 -23.85 -33.90
C ALA A 948 7.72 -24.12 -32.42
N ASP A 949 8.93 -24.35 -31.92
CA ASP A 949 9.20 -24.29 -30.49
C ASP A 949 10.32 -23.29 -30.28
N ASP A 950 10.07 -22.26 -29.48
CA ASP A 950 11.01 -21.16 -29.35
C ASP A 950 12.24 -21.49 -28.55
N LEU A 951 13.38 -20.93 -28.92
CA LEU A 951 14.56 -21.00 -28.08
C LEU A 951 15.50 -19.80 -28.25
N ILE A 952 15.92 -19.24 -27.11
CA ILE A 952 17.06 -18.30 -26.98
C ILE A 952 16.76 -16.82 -27.23
N PRO A 953 15.56 -16.49 -27.70
CA PRO A 953 15.25 -15.11 -28.01
C PRO A 953 15.36 -14.30 -26.75
N THR A 954 15.52 -12.98 -26.89
CA THR A 954 15.74 -12.09 -25.76
C THR A 954 14.63 -11.06 -25.59
N GLY A 955 14.01 -11.02 -24.41
CA GLY A 955 12.97 -10.07 -24.09
C GLY A 955 12.92 -9.96 -22.58
N GLU A 956 12.23 -8.97 -22.04
CA GLU A 956 12.10 -8.91 -20.60
C GLU A 956 11.32 -10.09 -20.09
N GLY A 957 11.81 -10.73 -19.04
CA GLY A 957 11.29 -12.00 -18.57
C GLY A 957 11.95 -13.06 -19.43
N GLU A 958 11.93 -14.31 -18.99
CA GLU A 958 11.70 -14.65 -17.61
C GLU A 958 12.93 -15.35 -17.07
N ILE A 959 13.95 -15.53 -17.90
CA ILE A 959 15.16 -16.22 -17.46
C ILE A 959 16.47 -15.46 -17.70
N PHE A 960 17.26 -15.28 -16.65
CA PHE A 960 18.48 -14.48 -16.66
C PHE A 960 19.67 -15.16 -17.33
N VAL A 961 20.45 -14.41 -18.10
CA VAL A 961 21.69 -14.95 -18.64
C VAL A 961 22.82 -13.94 -18.60
N SER A 962 24.02 -14.44 -18.28
CA SER A 962 25.14 -13.58 -17.95
C SER A 962 26.51 -14.15 -18.34
N PRO A 963 27.46 -13.26 -18.52
CA PRO A 963 28.85 -13.57 -18.89
C PRO A 963 29.66 -14.18 -17.76
N PHE A 964 30.39 -15.27 -18.01
CA PHE A 964 31.21 -15.85 -16.95
C PHE A 964 32.68 -16.11 -17.29
N SER A 965 33.54 -15.52 -16.47
CA SER A 965 34.91 -15.97 -16.21
C SER A 965 35.87 -16.22 -17.37
N ALA A 966 35.88 -15.37 -18.39
CA ALA A 966 34.90 -14.35 -18.63
C ALA A 966 35.11 -14.03 -20.10
N GLU A 967 34.20 -13.29 -20.71
CA GLU A 967 34.41 -12.89 -22.09
C GLU A 967 34.58 -14.06 -23.07
N GLU A 968 33.65 -15.01 -23.03
CA GLU A 968 33.67 -16.09 -24.01
C GLU A 968 35.02 -16.80 -24.01
N GLY A 969 35.39 -17.36 -22.86
CA GLY A 969 34.44 -17.52 -21.76
C GLY A 969 33.18 -18.26 -22.18
N ASP A 970 32.17 -18.16 -21.34
CA ASP A 970 30.89 -18.82 -21.58
C ASP A 970 29.78 -17.94 -21.07
N PHE A 971 28.55 -18.35 -21.31
CA PHE A 971 27.40 -17.61 -20.85
C PHE A 971 26.68 -18.53 -19.90
N HIS A 972 26.21 -18.00 -18.77
CA HIS A 972 25.59 -18.86 -17.78
C HIS A 972 24.10 -18.58 -17.72
N GLN A 973 23.31 -19.65 -17.68
CA GLN A 973 21.86 -19.55 -17.73
C GLN A 973 21.21 -19.83 -16.38
N ILE A 974 20.25 -19.02 -15.95
CA ILE A 974 19.60 -19.22 -14.64
C ILE A 974 18.16 -18.76 -14.75
N HIS A 975 17.25 -19.37 -13.96
CA HIS A 975 15.87 -18.89 -13.87
C HIS A 975 15.85 -17.51 -13.25
N ALA A 976 14.92 -16.67 -13.69
CA ALA A 976 15.05 -15.24 -13.47
C ALA A 976 14.67 -14.77 -12.07
N ASP A 977 13.52 -15.21 -11.56
CA ASP A 977 13.09 -14.77 -10.23
C ASP A 977 13.67 -15.65 -9.11
N LEU A 978 14.20 -16.81 -9.49
CA LEU A 978 14.92 -17.68 -8.57
C LEU A 978 16.25 -17.08 -8.26
N ASN A 979 16.79 -16.35 -9.23
CA ASN A 979 18.09 -15.78 -9.10
C ASN A 979 18.07 -14.45 -8.37
N ALA A 980 16.93 -13.75 -8.41
CA ALA A 980 16.81 -12.55 -7.62
C ALA A 980 16.85 -12.95 -6.17
N ALA A 981 16.09 -13.98 -5.82
CA ALA A 981 16.12 -14.47 -4.45
C ALA A 981 17.52 -14.87 -3.95
N GLN A 982 18.27 -15.58 -4.79
CA GLN A 982 19.59 -16.04 -4.39
C GLN A 982 20.47 -14.86 -4.17
N ASN A 983 20.32 -13.85 -5.01
CA ASN A 983 21.00 -12.58 -4.81
C ASN A 983 20.72 -11.99 -3.45
N LEU A 984 19.46 -11.94 -3.06
CA LEU A 984 19.16 -11.44 -1.71
C LEU A 984 20.05 -12.09 -0.64
N GLN A 985 20.25 -13.41 -0.74
CA GLN A 985 21.04 -14.13 0.23
C GLN A 985 22.49 -13.67 0.17
N GLN A 986 23.03 -13.52 -1.03
CA GLN A 986 24.40 -13.07 -1.11
C GLN A 986 24.52 -11.68 -0.48
N ARG A 987 23.45 -10.91 -0.51
CA ARG A 987 23.55 -9.54 -0.11
C ARG A 987 23.60 -9.48 1.40
N LEU A 988 22.82 -10.36 2.01
CA LEU A 988 22.85 -10.56 3.47
C LEU A 988 24.24 -10.97 4.01
N TRP A 989 24.74 -12.08 3.50
CA TRP A 989 25.95 -12.68 3.97
C TRP A 989 27.20 -11.85 3.78
N SER A 990 27.27 -11.08 2.72
CA SER A 990 28.45 -10.26 2.45
C SER A 990 28.37 -8.83 2.93
N ASP A 991 27.30 -8.45 3.60
CA ASP A 991 27.09 -7.05 3.95
C ASP A 991 27.06 -6.08 2.77
N PHE A 992 26.24 -6.37 1.77
CA PHE A 992 26.16 -5.53 0.58
C PHE A 992 25.69 -4.10 0.87
N ASP A 993 26.32 -3.12 0.25
CA ASP A 993 25.79 -1.77 0.14
C ASP A 993 25.83 -1.47 -1.32
N ILE A 994 24.88 -0.67 -1.76
CA ILE A 994 24.63 -0.41 -3.15
C ILE A 994 25.72 0.50 -3.66
N SER A 995 26.49 1.02 -2.73
CA SER A 995 27.64 1.82 -3.03
C SER A 995 28.64 1.00 -3.82
N GLN A 996 28.61 -0.30 -3.60
CA GLN A 996 29.48 -1.22 -4.29
C GLN A 996 29.25 -1.20 -5.78
N ILE A 997 28.01 -1.07 -6.21
CA ILE A 997 27.66 -1.11 -7.61
C ILE A 997 27.34 0.25 -8.26
N ARG A 998 26.62 1.11 -7.55
CA ARG A 998 26.05 2.31 -8.14
C ARG A 998 26.56 3.51 -7.44
N LEU A 999 26.57 4.64 -8.14
CA LEU A 999 26.99 5.88 -7.54
C LEU A 999 26.36 7.05 -8.25
N ARG A 1000 25.61 7.85 -7.50
CA ARG A 1000 25.02 9.08 -8.01
C ARG A 1000 25.98 10.24 -7.76
N CYS A 1001 26.38 10.97 -8.79
CA CYS A 1001 27.29 12.11 -8.60
C CYS A 1001 27.16 13.15 -9.65
N ASP A 1002 27.56 14.37 -9.31
CA ASP A 1002 27.43 15.51 -10.21
C ASP A 1002 28.69 16.35 -10.29
N TRP A 1003 28.81 17.06 -11.41
CA TRP A 1003 30.03 17.73 -11.80
C TRP A 1003 30.41 18.90 -10.94
N GLY A 1004 31.67 18.90 -10.54
CA GLY A 1004 32.25 19.97 -9.78
C GLY A 1004 33.72 19.85 -10.06
N GLU A 1005 34.49 20.90 -9.83
CA GLU A 1005 35.92 20.86 -10.12
C GLU A 1005 36.75 21.01 -8.85
N VAL A 1006 37.68 20.07 -8.65
CA VAL A 1006 38.52 20.08 -7.45
C VAL A 1006 39.92 20.64 -7.63
N ASP A 1007 40.58 20.26 -8.71
CA ASP A 1007 41.92 20.77 -8.95
C ASP A 1007 42.01 21.25 -10.37
N GLY A 1008 41.26 22.31 -10.67
CA GLY A 1008 41.30 22.89 -11.99
C GLY A 1008 40.95 21.81 -12.97
N GLU A 1009 40.20 20.81 -12.51
CA GLU A 1009 39.78 19.72 -13.34
C GLU A 1009 38.33 19.40 -13.02
N LEU A 1010 37.52 19.20 -14.04
CA LEU A 1010 36.15 18.78 -13.83
C LEU A 1010 36.17 17.36 -13.35
N VAL A 1011 35.35 17.06 -12.36
CA VAL A 1011 35.26 15.72 -11.84
C VAL A 1011 33.84 15.46 -11.49
N LEU A 1012 33.51 14.20 -11.28
CA LEU A 1012 32.27 13.83 -10.69
C LEU A 1012 32.58 13.68 -9.23
N ILE A 1013 31.78 14.36 -8.41
CA ILE A 1013 31.88 14.31 -6.95
C ILE A 1013 30.62 13.68 -6.42
N PRO A 1014 30.74 12.53 -5.75
CA PRO A 1014 29.65 11.71 -5.26
C PRO A 1014 28.55 12.40 -4.49
N ARG A 1015 27.46 11.67 -4.30
CA ARG A 1015 26.42 12.05 -3.35
C ARG A 1015 26.72 11.14 -2.17
N LEU A 1016 27.19 11.73 -1.09
CA LEU A 1016 27.73 10.98 0.02
C LEU A 1016 26.70 10.30 0.91
N THR A 1017 25.45 10.69 0.79
CA THR A 1017 24.43 10.11 1.66
C THR A 1017 24.18 8.70 1.23
N GLY A 1018 24.25 7.74 2.16
CA GLY A 1018 24.83 7.92 3.47
C GLY A 1018 25.69 6.68 3.69
N LYS A 1019 26.66 6.73 4.59
CA LYS A 1019 27.63 5.64 4.67
C LYS A 1019 26.88 4.35 4.89
N ARG A 1020 27.30 3.23 4.30
CA ARG A 1020 28.65 2.92 3.83
C ARG A 1020 29.23 3.77 2.71
N THR A 1021 28.36 4.36 1.89
CA THR A 1021 28.81 5.12 0.73
C THR A 1021 29.70 6.23 1.15
N ALA A 1022 29.33 6.89 2.21
CA ALA A 1022 30.16 7.96 2.74
C ALA A 1022 31.49 7.42 3.21
N ASP A 1023 31.47 6.27 3.86
CA ASP A 1023 32.69 5.67 4.40
C ASP A 1023 33.66 5.36 3.29
N SER A 1024 33.15 4.73 2.25
CA SER A 1024 34.01 4.31 1.18
C SER A 1024 34.48 5.52 0.39
N TYR A 1025 33.57 6.38 0.00
CA TYR A 1025 33.86 7.29 -1.09
C TYR A 1025 34.05 8.73 -0.69
N SER A 1026 34.06 9.03 0.60
CA SER A 1026 34.36 10.41 1.01
C SER A 1026 35.82 10.71 0.60
N ASN A 1027 36.03 11.91 0.08
CA ASN A 1027 37.33 12.36 -0.47
C ASN A 1027 37.92 11.52 -1.62
N LYS A 1028 37.05 10.80 -2.34
CA LYS A 1028 37.37 10.17 -3.61
C LYS A 1028 36.61 10.94 -4.68
N VAL A 1029 37.21 11.02 -5.85
CA VAL A 1029 36.66 11.81 -6.92
C VAL A 1029 36.94 11.09 -8.24
N PHE A 1030 35.95 11.14 -9.13
CA PHE A 1030 35.99 10.42 -10.38
C PHE A 1030 36.29 11.32 -11.55
N TYR A 1031 37.12 10.85 -12.49
CA TYR A 1031 37.41 11.62 -13.70
C TYR A 1031 37.34 10.71 -14.93
N THR A 1032 37.26 11.34 -16.11
CA THR A 1032 37.29 10.65 -17.39
C THR A 1032 38.13 11.37 -18.39
N ASN A 1033 38.69 10.59 -19.30
CA ASN A 1033 39.13 11.08 -20.56
C ASN A 1033 38.08 10.84 -21.64
N THR A 1034 37.53 9.64 -21.68
CA THR A 1034 36.47 9.30 -22.63
C THR A 1034 35.19 10.06 -22.44
N GLY A 1035 34.76 10.15 -21.20
CA GLY A 1035 33.45 10.60 -20.84
C GLY A 1035 32.46 9.48 -20.68
N VAL A 1036 32.87 8.27 -21.03
CA VAL A 1036 32.05 7.11 -20.79
C VAL A 1036 32.55 6.29 -19.61
N THR A 1037 33.84 6.04 -19.55
CA THR A 1037 34.38 5.27 -18.45
C THR A 1037 35.20 6.14 -17.50
N TYR A 1038 34.93 5.97 -16.21
CA TYR A 1038 35.40 6.87 -15.18
C TYR A 1038 36.37 6.23 -14.20
N TYR A 1039 37.31 7.05 -13.73
CA TYR A 1039 38.39 6.62 -12.84
C TYR A 1039 38.46 7.45 -11.56
N GLU A 1040 38.72 6.76 -10.45
CA GLU A 1040 38.67 7.32 -9.12
C GLU A 1040 40.03 7.85 -8.74
N ARG A 1041 40.10 9.10 -8.31
CA ARG A 1041 41.34 9.66 -7.79
C ARG A 1041 41.13 10.07 -6.35
N GLU A 1042 42.21 10.10 -5.58
CA GLU A 1042 42.15 10.32 -4.13
C GLU A 1042 42.15 11.82 -3.82
N ARG A 1043 42.14 12.19 -2.54
CA ARG A 1043 42.29 13.59 -2.14
C ARG A 1043 43.01 13.74 -0.80
N GLU A 1054 21.41 16.23 6.53
CA GLU A 1054 21.13 15.06 7.33
C GLU A 1054 20.04 14.21 6.69
N LYS A 1055 19.19 14.85 5.89
CA LYS A 1055 18.08 14.16 5.24
C LYS A 1055 18.54 13.20 4.14
N LEU A 1056 17.91 12.04 4.06
CA LEU A 1056 18.17 11.08 2.99
C LEU A 1056 17.15 11.22 1.87
N SER A 1057 15.87 11.26 2.23
CA SER A 1057 14.83 11.59 1.28
C SER A 1057 14.93 10.75 0.02
N GLU A 1058 15.10 9.46 0.17
CA GLU A 1058 15.42 8.62 -0.97
C GLU A 1058 14.32 8.74 -1.99
N GLU A 1059 13.09 8.84 -1.53
CA GLU A 1059 11.98 8.88 -2.46
C GLU A 1059 12.20 10.10 -3.32
N GLU A 1060 12.63 11.19 -2.70
CA GLU A 1060 12.88 12.47 -3.37
C GLU A 1060 14.29 12.63 -3.90
N ALA A 1061 15.16 11.67 -3.62
CA ALA A 1061 16.52 11.74 -4.16
C ALA A 1061 16.60 11.55 -5.66
N GLU A 1062 15.91 10.52 -6.16
CA GLU A 1062 15.90 10.20 -7.58
C GLU A 1062 15.20 11.28 -8.39
N LEU A 1063 14.11 11.80 -7.84
CA LEU A 1063 13.29 12.80 -8.53
C LEU A 1063 14.03 14.09 -8.81
N LEU A 1064 14.76 14.59 -7.82
CA LEU A 1064 15.59 15.77 -8.03
C LEU A 1064 16.76 15.39 -8.94
N VAL A 1065 17.15 14.13 -8.90
CA VAL A 1065 18.30 13.64 -9.66
C VAL A 1065 18.02 13.31 -11.14
N GLU A 1066 16.81 12.81 -11.43
CA GLU A 1066 16.40 12.49 -12.82
C GLU A 1066 16.38 13.72 -13.72
N ALA A 1067 15.90 14.84 -13.16
CA ALA A 1067 15.96 16.15 -13.81
C ALA A 1067 17.40 16.66 -13.95
N ASP A 1068 18.22 16.41 -12.94
CA ASP A 1068 19.61 16.80 -13.00
C ASP A 1068 20.24 16.06 -14.17
N GLU A 1069 19.80 14.82 -14.34
CA GLU A 1069 20.12 14.02 -15.52
C GLU A 1069 19.74 14.65 -16.85
N ALA A 1070 18.60 15.34 -16.86
CA ALA A 1070 18.05 16.02 -18.04
C ALA A 1070 18.93 17.14 -18.56
N ARG A 1071 19.54 17.87 -17.65
CA ARG A 1071 20.68 18.70 -17.92
C ARG A 1071 21.90 17.80 -17.77
N GLU A 1072 23.10 18.36 -17.86
CA GLU A 1072 24.30 17.56 -17.75
C GLU A 1072 24.71 17.40 -16.30
N LYS A 1073 23.92 17.96 -15.41
CA LYS A 1073 24.34 18.24 -14.05
C LYS A 1073 24.73 17.03 -13.23
N SER A 1074 23.99 15.94 -13.38
CA SER A 1074 24.25 14.78 -12.56
C SER A 1074 24.51 13.64 -13.50
N VAL A 1075 25.38 12.73 -13.08
CA VAL A 1075 25.68 11.54 -13.84
C VAL A 1075 25.64 10.36 -12.89
N VAL A 1076 25.16 9.21 -13.34
CA VAL A 1076 25.19 7.99 -12.54
C VAL A 1076 26.25 7.02 -13.06
N LEU A 1077 27.01 6.45 -12.16
CA LEU A 1077 28.01 5.46 -12.52
C LEU A 1077 27.62 4.13 -11.96
N ARG A 1079 29.11 -0.13 -12.00
CA ARG A 1079 30.36 -0.86 -12.09
C ARG A 1079 30.06 -2.36 -11.99
N ASP A 1080 30.89 -3.17 -12.65
CA ASP A 1080 30.84 -4.63 -12.46
C ASP A 1080 31.85 -5.14 -11.40
N PRO A 1081 31.36 -5.95 -10.46
CA PRO A 1081 32.28 -6.65 -9.56
C PRO A 1081 33.19 -7.58 -10.34
N SER A 1082 32.59 -8.34 -11.26
CA SER A 1082 33.26 -9.38 -12.03
C SER A 1082 34.49 -8.94 -12.86
N GLY A 1083 34.47 -7.67 -13.26
CA GLY A 1083 35.47 -7.09 -14.10
C GLY A 1083 35.25 -7.49 -15.54
N ILE A 1084 34.16 -8.19 -15.79
CA ILE A 1084 33.83 -8.59 -17.14
C ILE A 1084 33.46 -7.46 -18.08
N ILE A 1085 32.47 -6.65 -17.70
CA ILE A 1085 31.92 -5.65 -18.62
C ILE A 1085 32.76 -4.45 -19.11
N ASN A 1086 33.49 -3.78 -18.24
CA ASN A 1086 34.33 -2.67 -18.68
C ASN A 1086 35.77 -2.73 -18.31
N ARG A 1087 36.22 -3.89 -17.87
CA ARG A 1087 37.49 -4.04 -17.16
C ARG A 1087 37.21 -3.76 -15.69
N GLY A 1088 35.93 -3.63 -15.33
CA GLY A 1088 35.51 -3.41 -13.97
C GLY A 1088 35.49 -1.98 -13.52
N ASN A 1089 35.76 -1.05 -14.43
CA ASN A 1089 35.75 0.34 -14.10
C ASN A 1089 34.39 0.91 -14.02
N TRP A 1090 34.26 2.04 -13.33
CA TRP A 1090 33.01 2.72 -13.30
C TRP A 1090 32.73 3.28 -14.68
N THR A 1091 31.57 2.92 -15.19
CA THR A 1091 31.14 3.26 -16.50
C THR A 1091 29.91 4.11 -16.31
N ARG A 1092 29.70 5.14 -17.11
CA ARG A 1092 28.45 5.88 -17.03
C ARG A 1092 27.28 4.93 -17.26
N GLN A 1093 26.15 5.17 -16.63
CA GLN A 1093 25.11 4.14 -16.49
C GLN A 1093 24.55 3.59 -17.79
N LYS A 1094 24.17 4.48 -18.69
CA LYS A 1094 23.49 4.09 -19.92
C LYS A 1094 24.33 3.25 -20.86
N GLU A 1095 25.60 3.62 -20.98
CA GLU A 1095 26.59 2.86 -21.71
C GLU A 1095 26.81 1.54 -21.06
N PHE A 1096 26.76 1.50 -19.73
CA PHE A 1096 27.07 0.28 -19.05
C PHE A 1096 26.09 -0.80 -19.45
N TRP A 1097 24.81 -0.48 -19.47
CA TRP A 1097 23.80 -1.44 -19.84
C TRP A 1097 23.74 -1.84 -21.31
N SER A 1098 24.06 -0.90 -22.18
CA SER A 1098 24.21 -1.19 -23.58
C SER A 1098 25.37 -2.14 -23.82
N VAL A 1100 26.29 -4.20 -21.81
CA VAL A 1100 25.69 -5.46 -21.38
C VAL A 1100 24.82 -6.08 -22.46
N ASN A 1101 24.02 -5.29 -23.16
CA ASN A 1101 23.17 -5.84 -24.20
C ASN A 1101 23.97 -6.41 -25.33
N GLN A 1102 24.95 -5.63 -25.75
CA GLN A 1102 25.75 -5.95 -26.92
C GLN A 1102 26.50 -7.20 -26.66
N ARG A 1103 26.94 -7.37 -25.43
CA ARG A 1103 27.70 -8.54 -25.07
C ARG A 1103 26.94 -9.84 -25.19
N ILE A 1104 25.68 -9.86 -24.78
CA ILE A 1104 24.90 -11.07 -24.91
C ILE A 1104 24.01 -11.03 -26.13
N GLU A 1105 23.60 -9.84 -26.53
CA GLU A 1105 22.80 -9.74 -27.74
C GLU A 1105 23.67 -10.17 -28.89
N GLY A 1106 24.92 -9.78 -28.86
CA GLY A 1106 25.82 -10.16 -29.92
C GLY A 1106 26.11 -11.63 -30.06
N TYR A 1107 26.49 -12.32 -29.00
CA TYR A 1107 26.78 -13.73 -29.19
C TYR A 1107 25.52 -14.43 -29.66
N LEU A 1108 24.39 -14.12 -29.05
CA LEU A 1108 23.18 -14.81 -29.42
C LEU A 1108 22.85 -14.62 -30.87
N VAL A 1109 22.94 -13.39 -31.35
CA VAL A 1109 22.61 -13.07 -32.74
C VAL A 1109 23.58 -13.78 -33.69
N LYS A 1110 24.83 -13.78 -33.28
CA LYS A 1110 25.93 -14.37 -34.02
C LYS A 1110 25.87 -15.88 -34.05
N GLN A 1111 25.44 -16.49 -32.96
CA GLN A 1111 25.46 -17.93 -32.88
C GLN A 1111 24.59 -18.47 -33.98
N ILE A 1112 23.65 -17.66 -34.46
CA ILE A 1112 22.73 -18.06 -35.51
C ILE A 1112 23.55 -18.46 -36.72
N ARG A 1113 24.63 -17.74 -36.98
CA ARG A 1113 25.49 -18.06 -38.11
C ARG A 1113 24.75 -17.97 -39.44
N SER A 1114 24.88 -19.01 -40.24
CA SER A 1114 24.33 -19.02 -41.61
C SER A 1114 22.81 -18.98 -41.68
N ARG A 1115 22.32 -18.29 -42.72
CA ARG A 1115 20.89 -18.12 -42.93
C ARG A 1115 20.12 -19.40 -42.65
#